data_2NA7
#
_entry.id   2NA7
#
_entity_poly.entity_id   1
_entity_poly.type   'polypeptide(L)'
_entity_poly.pdbx_seq_one_letter_code
;RSNLGWLSLLLLPIPLIVWVKRKEVQKT
;
_entity_poly.pdbx_strand_id   A,B,C
#
# COMPACT_ATOMS: atom_id res chain seq x y z
N ARG A 1 -8.48 -8.11 -17.14
CA ARG A 1 -8.06 -9.52 -16.92
C ARG A 1 -6.60 -9.55 -16.49
N SER A 2 -6.27 -10.44 -15.56
CA SER A 2 -4.86 -10.55 -15.06
C SER A 2 -4.60 -11.94 -14.49
N ASN A 3 -3.34 -12.34 -14.49
CA ASN A 3 -2.95 -13.68 -13.97
C ASN A 3 -2.92 -13.67 -12.44
N LEU A 4 -3.04 -14.85 -11.85
CA LEU A 4 -3.02 -14.97 -10.37
C LEU A 4 -1.71 -14.45 -9.80
N GLY A 5 -0.62 -14.75 -10.49
CA GLY A 5 0.72 -14.29 -10.04
C GLY A 5 0.79 -12.75 -9.98
N TRP A 6 0.20 -12.08 -10.97
CA TRP A 6 0.27 -10.59 -11.04
C TRP A 6 -0.33 -9.88 -9.81
N LEU A 7 -1.45 -10.36 -9.28
CA LEU A 7 -2.05 -9.68 -8.09
C LEU A 7 -1.07 -9.68 -6.93
N SER A 8 -0.38 -10.80 -6.77
CA SER A 8 0.64 -10.96 -5.69
C SER A 8 1.76 -9.92 -5.82
N LEU A 9 2.17 -9.65 -7.05
CA LEU A 9 3.26 -8.66 -7.29
C LEU A 9 2.87 -7.27 -6.74
N LEU A 10 1.61 -6.90 -6.89
CA LEU A 10 1.12 -5.55 -6.45
C LEU A 10 1.31 -5.27 -4.94
N LEU A 11 1.07 -6.25 -4.08
CA LEU A 11 1.25 -6.05 -2.59
C LEU A 11 2.70 -5.67 -2.15
N LEU A 12 3.72 -6.28 -2.76
CA LEU A 12 5.17 -6.04 -2.36
C LEU A 12 5.67 -4.58 -2.48
N PRO A 13 5.32 -3.84 -3.50
CA PRO A 13 5.76 -2.41 -3.64
C PRO A 13 5.15 -1.34 -2.68
N ILE A 14 3.91 -1.49 -2.15
CA ILE A 14 3.38 -0.39 -1.27
C ILE A 14 4.09 -0.30 0.07
N PRO A 15 4.45 -1.40 0.67
CA PRO A 15 5.15 -1.38 1.99
C PRO A 15 6.37 -0.46 1.98
N LEU A 16 7.04 -0.35 0.83
CA LEU A 16 8.29 0.48 0.73
C LEU A 16 8.07 1.96 1.05
N ILE A 17 6.95 2.55 0.60
CA ILE A 17 6.70 4.00 0.86
C ILE A 17 6.65 4.33 2.36
N VAL A 18 6.04 3.46 3.17
CA VAL A 18 5.93 3.76 4.63
C VAL A 18 7.31 3.92 5.26
N TRP A 19 8.27 3.08 4.86
CA TRP A 19 9.64 3.18 5.42
C TRP A 19 10.22 4.55 5.12
N VAL A 20 9.95 5.04 3.90
CA VAL A 20 10.45 6.37 3.47
C VAL A 20 9.91 7.47 4.39
N LYS A 21 8.64 7.33 4.75
CA LYS A 21 7.98 8.34 5.62
C LYS A 21 8.70 8.47 6.97
N ARG A 22 9.13 7.34 7.52
CA ARG A 22 9.85 7.36 8.83
C ARG A 22 11.11 8.21 8.72
N LYS A 23 11.81 8.08 7.60
CA LYS A 23 13.05 8.87 7.36
C LYS A 23 12.75 10.37 7.41
N GLU A 24 11.62 10.74 6.82
CA GLU A 24 11.20 12.18 6.78
C GLU A 24 12.29 13.04 6.13
N VAL A 25 12.28 13.06 4.80
CA VAL A 25 13.28 13.86 4.04
C VAL A 25 12.96 15.35 4.10
N GLN A 26 13.96 16.18 3.85
CA GLN A 26 13.76 17.66 3.89
C GLN A 26 12.72 18.08 2.86
N LYS A 27 12.52 19.38 2.72
CA LYS A 27 11.52 19.92 1.75
C LYS A 27 10.22 19.10 1.82
N THR A 28 9.71 18.70 0.66
CA THR A 28 8.45 17.91 0.61
C THR A 28 7.35 18.58 1.43
N ARG B 1 9.80 -22.54 -1.67
CA ARG B 1 8.41 -23.07 -1.51
C ARG B 1 7.51 -21.98 -0.94
N SER B 2 7.33 -20.92 -1.71
CA SER B 2 6.46 -19.79 -1.28
C SER B 2 5.02 -20.26 -1.09
N ASN B 3 4.38 -19.81 -0.01
CA ASN B 3 2.97 -20.21 0.28
C ASN B 3 2.00 -19.17 -0.27
N LEU B 4 0.90 -19.65 -0.85
CA LEU B 4 -0.14 -18.74 -1.41
C LEU B 4 -0.71 -17.84 -0.34
N GLY B 5 -0.91 -18.39 0.85
CA GLY B 5 -1.47 -17.62 1.99
C GLY B 5 -0.57 -16.42 2.36
N TRP B 6 0.76 -16.62 2.34
CA TRP B 6 1.70 -15.53 2.75
C TRP B 6 1.58 -14.25 1.91
N LEU B 7 1.40 -14.37 0.59
CA LEU B 7 1.28 -13.13 -0.25
C LEU B 7 0.08 -12.33 0.21
N SER B 8 -0.99 -13.04 0.52
CA SER B 8 -2.27 -12.42 1.00
C SER B 8 -2.04 -11.63 2.30
N LEU B 9 -1.22 -12.17 3.18
CA LEU B 9 -0.94 -11.50 4.48
C LEU B 9 -0.34 -10.10 4.25
N LEU B 10 0.54 -9.99 3.25
CA LEU B 10 1.25 -8.71 2.96
C LEU B 10 0.32 -7.52 2.65
N LEU B 11 -0.76 -7.73 1.89
CA LEU B 11 -1.70 -6.59 1.52
C LEU B 11 -2.37 -5.88 2.73
N LEU B 12 -2.79 -6.63 3.76
CA LEU B 12 -3.55 -6.03 4.94
C LEU B 12 -2.80 -4.92 5.73
N PRO B 13 -1.52 -5.00 5.99
CA PRO B 13 -0.79 -3.92 6.76
C PRO B 13 -0.53 -2.55 6.05
N ILE B 14 -0.35 -2.43 4.72
CA ILE B 14 -0.07 -1.06 4.17
C ILE B 14 -1.30 -0.13 4.22
N PRO B 15 -2.50 -0.64 4.01
CA PRO B 15 -3.74 0.22 4.05
C PRO B 15 -3.84 1.04 5.34
N LEU B 16 -3.24 0.56 6.42
CA LEU B 16 -3.32 1.28 7.74
C LEU B 16 -2.74 2.69 7.66
N ILE B 17 -1.63 2.86 6.95
CA ILE B 17 -0.99 4.21 6.84
C ILE B 17 -1.96 5.24 6.22
N VAL B 18 -2.71 4.82 5.20
CA VAL B 18 -3.66 5.76 4.53
C VAL B 18 -4.70 6.30 5.52
N TRP B 19 -5.18 5.42 6.40
CA TRP B 19 -6.21 5.80 7.41
C TRP B 19 -5.75 6.94 8.33
N VAL B 20 -4.49 6.92 8.76
CA VAL B 20 -4.00 7.98 9.69
C VAL B 20 -4.11 9.37 9.06
N LYS B 21 -3.80 9.48 7.77
CA LYS B 21 -3.84 10.78 7.07
C LYS B 21 -5.22 11.44 7.09
N ARG B 22 -6.27 10.64 6.92
CA ARG B 22 -7.65 11.20 6.90
C ARG B 22 -7.99 11.91 8.21
N LYS B 23 -7.57 11.35 9.33
CA LYS B 23 -7.87 11.98 10.66
C LYS B 23 -7.26 13.37 10.73
N GLU B 24 -6.05 13.52 10.20
CA GLU B 24 -5.34 14.83 10.19
C GLU B 24 -3.93 14.67 9.64
N VAL B 25 -3.14 15.75 9.72
CA VAL B 25 -1.74 15.74 9.22
C VAL B 25 -0.82 16.38 10.25
N GLN B 26 -1.25 17.52 10.78
CA GLN B 26 -0.43 18.25 11.80
C GLN B 26 -1.35 19.07 12.71
N LYS B 27 -2.49 19.49 12.16
CA LYS B 27 -3.47 20.30 12.95
C LYS B 27 -4.80 20.39 12.20
N THR B 28 -5.30 21.61 12.04
CA THR B 28 -6.59 21.82 11.32
C THR B 28 -6.37 21.78 9.81
N ARG C 1 -11.94 -19.65 -5.23
CA ARG C 1 -12.98 -19.37 -6.27
C ARG C 1 -13.80 -18.16 -5.85
N SER C 2 -13.74 -17.83 -4.56
CA SER C 2 -14.52 -16.66 -4.02
C SER C 2 -13.71 -15.92 -2.98
N ASN C 3 -13.29 -16.64 -1.93
CA ASN C 3 -12.49 -16.02 -0.85
C ASN C 3 -11.13 -15.55 -1.38
N LEU C 4 -10.56 -16.34 -2.29
CA LEU C 4 -9.24 -15.99 -2.88
C LEU C 4 -9.32 -14.66 -3.61
N GLY C 5 -10.41 -14.42 -4.30
CA GLY C 5 -10.60 -13.15 -5.06
C GLY C 5 -10.54 -11.93 -4.13
N TRP C 6 -11.14 -12.03 -2.94
CA TRP C 6 -11.20 -10.85 -2.00
C TRP C 6 -9.81 -10.34 -1.59
N LEU C 7 -8.86 -11.23 -1.32
CA LEU C 7 -7.50 -10.75 -0.90
C LEU C 7 -6.87 -9.88 -1.99
N SER C 8 -7.07 -10.31 -3.23
CA SER C 8 -6.54 -9.56 -4.41
C SER C 8 -7.11 -8.13 -4.47
N LEU C 9 -8.37 -7.98 -4.15
CA LEU C 9 -9.00 -6.64 -4.18
C LEU C 9 -8.29 -5.66 -3.24
N LEU C 10 -7.88 -6.15 -2.07
CA LEU C 10 -7.22 -5.29 -1.04
C LEU C 10 -5.92 -4.61 -1.53
N LEU C 11 -5.09 -5.30 -2.29
CA LEU C 11 -3.79 -4.69 -2.79
C LEU C 11 -3.95 -3.43 -3.69
N LEU C 12 -4.93 -3.41 -4.60
CA LEU C 12 -5.07 -2.24 -5.60
C LEU C 12 -5.26 -0.85 -4.94
N PRO C 13 -6.03 -0.76 -3.92
CA PRO C 13 -6.28 0.53 -3.17
C PRO C 13 -5.05 1.24 -2.54
N ILE C 14 -4.09 0.56 -1.87
CA ILE C 14 -2.98 1.33 -1.26
C ILE C 14 -2.04 1.94 -2.29
N PRO C 15 -1.69 1.22 -3.33
CA PRO C 15 -0.79 1.74 -4.40
C PRO C 15 -1.20 3.13 -4.87
N LEU C 16 -2.48 3.47 -4.70
CA LEU C 16 -2.97 4.81 -5.17
C LEU C 16 -2.22 5.96 -4.47
N ILE C 17 -1.96 5.81 -3.17
CA ILE C 17 -1.23 6.88 -2.43
C ILE C 17 0.14 7.14 -3.04
N VAL C 18 0.82 6.07 -3.43
CA VAL C 18 2.17 6.20 -4.04
C VAL C 18 2.13 7.05 -5.31
N TRP C 19 1.08 6.84 -6.11
CA TRP C 19 0.93 7.57 -7.42
C TRP C 19 0.86 9.10 -7.28
N VAL C 20 0.15 9.61 -6.27
CA VAL C 20 0.05 11.10 -6.13
C VAL C 20 1.43 11.73 -5.95
N LYS C 21 2.29 11.08 -5.18
CA LYS C 21 3.67 11.62 -4.96
C LYS C 21 4.39 11.74 -6.31
N ARG C 22 4.20 10.75 -7.16
CA ARG C 22 4.83 10.75 -8.51
C ARG C 22 4.38 11.97 -9.30
N LYS C 23 3.09 12.30 -9.18
CA LYS C 23 2.51 13.47 -9.89
C LYS C 23 3.23 14.76 -9.49
N GLU C 24 3.54 14.88 -8.21
CA GLU C 24 4.24 16.09 -7.69
C GLU C 24 3.37 17.33 -7.89
N VAL C 25 4.01 18.44 -8.27
CA VAL C 25 3.30 19.73 -8.51
C VAL C 25 2.26 20.01 -7.42
N GLN C 26 1.54 21.11 -7.54
CA GLN C 26 0.51 21.49 -6.54
C GLN C 26 -0.38 22.62 -7.08
N LYS C 27 -1.68 22.47 -6.91
CA LYS C 27 -2.64 23.51 -7.38
C LYS C 27 -4.05 23.22 -6.85
N THR C 28 -4.12 22.58 -5.69
CA THR C 28 -5.44 22.24 -5.08
C THR C 28 -5.89 23.35 -4.14
N ARG A 1 -2.75 -18.69 -19.04
CA ARG A 1 -2.25 -19.77 -18.15
C ARG A 1 -2.38 -19.34 -16.69
N SER A 2 -1.27 -18.96 -16.07
CA SER A 2 -1.30 -18.53 -14.65
C SER A 2 -1.73 -17.06 -14.54
N ASN A 3 -2.46 -16.76 -13.46
CA ASN A 3 -2.95 -15.36 -13.22
C ASN A 3 -2.95 -15.07 -11.73
N LEU A 4 -3.09 -16.12 -10.94
CA LEU A 4 -3.11 -15.99 -9.45
C LEU A 4 -1.79 -15.39 -8.98
N GLY A 5 -0.70 -15.80 -9.58
CA GLY A 5 0.64 -15.29 -9.20
C GLY A 5 0.76 -13.77 -9.35
N TRP A 6 0.19 -13.21 -10.43
CA TRP A 6 0.30 -11.74 -10.70
C TRP A 6 -0.27 -10.86 -9.57
N LEU A 7 -1.41 -11.24 -9.00
CA LEU A 7 -2.00 -10.41 -7.90
C LEU A 7 -1.01 -10.32 -6.73
N SER A 8 -0.37 -11.44 -6.46
CA SER A 8 0.64 -11.53 -5.34
C SER A 8 1.80 -10.55 -5.55
N LEU A 9 2.26 -10.38 -6.76
CA LEU A 9 3.40 -9.45 -7.04
C LEU A 9 3.07 -8.01 -6.61
N LEU A 10 1.83 -7.59 -6.84
CA LEU A 10 1.42 -6.18 -6.53
C LEU A 10 1.57 -5.78 -5.05
N LEU A 11 1.26 -6.67 -4.10
CA LEU A 11 1.36 -6.34 -2.63
C LEU A 11 2.78 -5.96 -2.13
N LEU A 12 3.81 -6.66 -2.61
CA LEU A 12 5.24 -6.46 -2.09
C LEU A 12 5.82 -5.03 -2.23
N PRO A 13 5.61 -4.35 -3.31
CA PRO A 13 6.15 -2.96 -3.48
C PRO A 13 5.38 -1.79 -2.79
N ILE A 14 4.13 -1.92 -2.32
CA ILE A 14 3.47 -0.72 -1.69
C ILE A 14 4.11 -0.35 -0.33
N PRO A 15 4.53 -1.31 0.46
CA PRO A 15 5.16 -1.03 1.79
C PRO A 15 6.28 -0.01 1.69
N LEU A 16 6.82 0.14 0.48
CA LEU A 16 7.95 1.11 0.24
C LEU A 16 7.53 2.54 0.60
N ILE A 17 6.30 2.92 0.26
CA ILE A 17 5.82 4.30 0.58
C ILE A 17 5.88 4.54 2.08
N VAL A 18 5.50 3.52 2.85
CA VAL A 18 5.53 3.59 4.34
C VAL A 18 6.93 3.88 4.85
N TRP A 19 7.92 3.25 4.22
CA TRP A 19 9.34 3.41 4.64
C TRP A 19 9.78 4.87 4.54
N VAL A 20 9.35 5.57 3.50
CA VAL A 20 9.73 6.99 3.34
C VAL A 20 9.22 7.80 4.54
N LYS A 21 8.02 7.49 4.99
CA LYS A 21 7.43 8.19 6.17
C LYS A 21 8.31 8.00 7.40
N ARG A 22 8.83 6.80 7.55
CA ARG A 22 9.69 6.44 8.72
C ARG A 22 10.94 7.31 8.81
N LYS A 23 11.56 7.60 7.67
CA LYS A 23 12.82 8.42 7.69
C LYS A 23 12.57 9.80 8.31
N GLU A 24 11.42 10.40 8.00
CA GLU A 24 11.08 11.73 8.56
C GLU A 24 12.31 12.65 8.54
N VAL A 25 12.23 13.77 9.27
CA VAL A 25 13.36 14.74 9.34
C VAL A 25 14.10 14.83 8.00
N GLN A 26 13.76 15.85 7.21
CA GLN A 26 14.40 16.05 5.88
C GLN A 26 15.33 17.27 5.90
N LYS A 27 14.85 18.37 6.47
CA LYS A 27 15.65 19.62 6.56
C LYS A 27 16.26 19.95 5.20
N THR A 28 17.04 21.02 5.15
CA THR A 28 17.70 21.46 3.88
C THR A 28 16.74 21.31 2.71
N ARG B 1 9.75 -21.73 -3.46
CA ARG B 1 8.57 -22.26 -2.70
C ARG B 1 8.08 -21.20 -1.72
N SER B 2 6.84 -21.36 -1.25
CA SER B 2 6.26 -20.39 -0.29
C SER B 2 4.90 -20.87 0.19
N ASN B 3 3.95 -19.94 0.30
CA ASN B 3 2.57 -20.28 0.76
C ASN B 3 1.57 -19.29 0.18
N LEU B 4 0.50 -19.80 -0.40
CA LEU B 4 -0.55 -18.93 -1.00
C LEU B 4 -1.16 -18.03 0.07
N GLY B 5 -1.38 -18.58 1.25
CA GLY B 5 -1.95 -17.79 2.36
C GLY B 5 -1.07 -16.59 2.73
N TRP B 6 0.26 -16.78 2.73
CA TRP B 6 1.20 -15.69 3.12
C TRP B 6 1.10 -14.43 2.25
N LEU B 7 0.95 -14.57 0.94
CA LEU B 7 0.87 -13.36 0.07
C LEU B 7 -0.32 -12.50 0.47
N SER B 8 -1.43 -13.15 0.78
CA SER B 8 -2.67 -12.44 1.21
C SER B 8 -2.40 -11.63 2.48
N LEU B 9 -1.62 -12.19 3.39
CA LEU B 9 -1.30 -11.49 4.67
C LEU B 9 -0.58 -10.15 4.38
N LEU B 10 0.30 -10.14 3.39
CA LEU B 10 1.12 -8.91 3.07
C LEU B 10 0.27 -7.68 2.71
N LEU B 11 -0.81 -7.84 1.94
CA LEU B 11 -1.68 -6.67 1.53
C LEU B 11 -2.32 -5.89 2.71
N LEU B 12 -2.81 -6.58 3.76
CA LEU B 12 -3.55 -5.88 4.91
C LEU B 12 -2.71 -4.82 5.65
N PRO B 13 -1.46 -5.07 5.91
CA PRO B 13 -0.52 -4.10 6.57
C PRO B 13 -0.33 -2.70 5.91
N ILE B 14 -0.19 -2.54 4.57
CA ILE B 14 0.03 -1.17 4.04
C ILE B 14 -1.22 -0.30 4.16
N PRO B 15 -2.39 -0.82 3.89
CA PRO B 15 -3.65 -0.02 4.02
C PRO B 15 -3.67 0.79 5.31
N LEU B 16 -2.99 0.30 6.35
CA LEU B 16 -2.96 1.01 7.67
C LEU B 16 -2.35 2.41 7.51
N ILE B 17 -1.30 2.52 6.70
CA ILE B 17 -0.65 3.84 6.49
C ILE B 17 -1.66 4.84 5.91
N VAL B 18 -2.49 4.38 5.00
CA VAL B 18 -3.51 5.27 4.38
C VAL B 18 -4.46 5.82 5.43
N TRP B 19 -4.83 4.97 6.39
CA TRP B 19 -5.78 5.36 7.47
C TRP B 19 -5.26 6.53 8.31
N VAL B 20 -3.96 6.53 8.61
CA VAL B 20 -3.37 7.62 9.45
C VAL B 20 -3.56 8.99 8.79
N LYS B 21 -3.41 9.05 7.47
CA LYS B 21 -3.57 10.33 6.73
C LYS B 21 -4.97 10.90 6.94
N ARG B 22 -5.97 10.02 6.92
CA ARG B 22 -7.39 10.43 7.11
C ARG B 22 -7.59 11.12 8.46
N LYS B 23 -6.93 10.60 9.48
CA LYS B 23 -7.06 11.18 10.86
C LYS B 23 -6.61 12.64 10.91
N GLU B 24 -5.53 12.95 10.20
CA GLU B 24 -5.01 14.35 10.19
C GLU B 24 -6.17 15.35 10.08
N VAL B 25 -5.91 16.59 10.50
CA VAL B 25 -6.95 17.66 10.43
C VAL B 25 -6.35 19.01 10.79
N GLN B 26 -5.22 19.00 11.48
CA GLN B 26 -4.55 20.27 11.89
C GLN B 26 -4.50 21.24 10.72
N LYS B 27 -5.40 22.21 10.73
CA LYS B 27 -5.46 23.22 9.64
C LYS B 27 -4.14 23.96 9.51
N THR B 28 -3.63 24.46 10.65
CA THR B 28 -2.35 25.21 10.68
C THR B 28 -2.40 26.41 9.74
N ARG C 1 -17.47 -20.66 -1.47
CA ARG C 1 -17.50 -19.24 -1.92
C ARG C 1 -16.09 -18.81 -2.31
N SER C 2 -15.98 -18.13 -3.45
CA SER C 2 -14.66 -17.65 -3.94
C SER C 2 -14.22 -16.40 -3.19
N ASN C 3 -13.62 -16.59 -2.02
CA ASN C 3 -13.14 -15.45 -1.21
C ASN C 3 -11.72 -15.07 -1.62
N LEU C 4 -11.14 -15.89 -2.48
CA LEU C 4 -9.75 -15.64 -2.99
C LEU C 4 -9.67 -14.30 -3.69
N GLY C 5 -10.70 -13.97 -4.46
CA GLY C 5 -10.72 -12.69 -5.20
C GLY C 5 -10.63 -11.47 -4.29
N TRP C 6 -11.31 -11.50 -3.13
CA TRP C 6 -11.30 -10.31 -2.22
C TRP C 6 -9.89 -9.92 -1.74
N LEU C 7 -9.04 -10.88 -1.40
CA LEU C 7 -7.67 -10.52 -0.93
C LEU C 7 -6.94 -9.75 -2.02
N SER C 8 -7.13 -10.20 -3.25
CA SER C 8 -6.51 -9.55 -4.46
C SER C 8 -6.97 -8.09 -4.57
N LEU C 9 -8.23 -7.84 -4.28
CA LEU C 9 -8.77 -6.46 -4.41
C LEU C 9 -8.01 -5.48 -3.49
N LEU C 10 -7.66 -5.93 -2.29
CA LEU C 10 -6.96 -5.04 -1.29
C LEU C 10 -5.62 -4.48 -1.78
N LEU C 11 -4.80 -5.27 -2.48
CA LEU C 11 -3.45 -4.76 -2.97
C LEU C 11 -3.52 -3.56 -3.95
N LEU C 12 -4.49 -3.56 -4.88
CA LEU C 12 -4.60 -2.48 -5.94
C LEU C 12 -4.82 -1.03 -5.41
N PRO C 13 -5.62 -0.79 -4.41
CA PRO C 13 -5.86 0.60 -3.85
C PRO C 13 -4.76 1.25 -2.97
N ILE C 14 -3.82 0.53 -2.33
CA ILE C 14 -2.83 1.27 -1.47
C ILE C 14 -1.82 2.13 -2.27
N PRO C 15 -1.41 1.69 -3.42
CA PRO C 15 -0.40 2.44 -4.27
C PRO C 15 -0.82 3.85 -4.69
N LEU C 16 -2.11 4.11 -4.81
CA LEU C 16 -2.57 5.47 -5.27
C LEU C 16 -2.11 6.63 -4.36
N ILE C 17 -2.13 6.47 -3.04
CA ILE C 17 -1.76 7.62 -2.16
C ILE C 17 -0.34 8.14 -2.42
N VAL C 18 0.63 7.25 -2.63
CA VAL C 18 2.01 7.74 -2.93
C VAL C 18 2.00 8.58 -4.21
N TRP C 19 1.21 8.12 -5.19
CA TRP C 19 1.10 8.82 -6.50
C TRP C 19 0.58 10.24 -6.33
N VAL C 20 -0.39 10.42 -5.43
CA VAL C 20 -0.97 11.77 -5.21
C VAL C 20 0.09 12.76 -4.77
N LYS C 21 1.00 12.32 -3.90
CA LYS C 21 2.09 13.21 -3.42
C LYS C 21 2.93 13.70 -4.59
N ARG C 22 3.18 12.79 -5.53
CA ARG C 22 3.99 13.13 -6.74
C ARG C 22 3.31 14.23 -7.54
N LYS C 23 1.99 14.16 -7.63
CA LYS C 23 1.20 15.18 -8.39
C LYS C 23 1.41 16.57 -7.81
N GLU C 24 1.47 16.65 -6.47
CA GLU C 24 1.66 17.96 -5.80
C GLU C 24 3.06 18.50 -6.07
N VAL C 25 3.29 18.92 -7.32
CA VAL C 25 4.63 19.47 -7.71
C VAL C 25 4.76 20.92 -7.25
N GLN C 26 3.67 21.68 -7.37
CA GLN C 26 3.68 23.12 -6.97
C GLN C 26 2.39 23.48 -6.24
N LYS C 27 2.17 24.77 -6.05
CA LYS C 27 0.94 25.27 -5.37
C LYS C 27 0.94 24.85 -3.89
N THR C 28 1.86 25.44 -3.12
CA THR C 28 1.95 25.12 -1.67
C THR C 28 0.71 25.60 -0.93
N ARG A 1 -9.55 -17.94 -12.68
CA ARG A 1 -9.30 -18.30 -14.11
C ARG A 1 -8.46 -17.22 -14.77
N SER A 2 -7.36 -16.86 -14.11
CA SER A 2 -6.45 -15.82 -14.65
C SER A 2 -5.02 -16.01 -14.10
N ASN A 3 -4.27 -14.92 -14.03
CA ASN A 3 -2.88 -14.99 -13.51
C ASN A 3 -2.86 -14.80 -11.99
N LEU A 4 -3.02 -15.90 -11.26
CA LEU A 4 -3.03 -15.84 -9.77
C LEU A 4 -1.71 -15.30 -9.25
N GLY A 5 -0.61 -15.70 -9.87
CA GLY A 5 0.73 -15.24 -9.44
C GLY A 5 0.86 -13.71 -9.54
N TRP A 6 0.31 -13.11 -10.60
CA TRP A 6 0.45 -11.64 -10.81
C TRP A 6 -0.15 -10.80 -9.67
N LEU A 7 -1.30 -11.19 -9.13
CA LEU A 7 -1.90 -10.38 -8.02
C LEU A 7 -0.94 -10.34 -6.83
N SER A 8 -0.32 -11.47 -6.55
CA SER A 8 0.65 -11.60 -5.42
C SER A 8 1.83 -10.63 -5.58
N LEU A 9 2.31 -10.46 -6.79
CA LEU A 9 3.46 -9.54 -7.02
C LEU A 9 3.14 -8.09 -6.57
N LEU A 10 1.91 -7.63 -6.83
CA LEU A 10 1.53 -6.22 -6.51
C LEU A 10 1.64 -5.84 -5.02
N LEU A 11 1.27 -6.72 -4.09
CA LEU A 11 1.36 -6.39 -2.61
C LEU A 11 2.79 -6.07 -2.10
N LEU A 12 3.79 -6.82 -2.57
CA LEU A 12 5.20 -6.70 -2.01
C LEU A 12 5.85 -5.29 -2.13
N PRO A 13 5.69 -4.58 -3.21
CA PRO A 13 6.28 -3.22 -3.36
C PRO A 13 5.52 -2.01 -2.74
N ILE A 14 4.25 -2.10 -2.26
CA ILE A 14 3.63 -0.86 -1.70
C ILE A 14 4.28 -0.46 -0.36
N PRO A 15 4.68 -1.39 0.46
CA PRO A 15 5.33 -1.09 1.80
C PRO A 15 6.51 -0.12 1.71
N LEU A 16 7.11 0.05 0.54
CA LEU A 16 8.31 0.96 0.42
C LEU A 16 8.01 2.40 0.83
N ILE A 17 6.84 2.93 0.47
CA ILE A 17 6.54 4.35 0.80
C ILE A 17 6.60 4.61 2.33
N VAL A 18 6.10 3.71 3.15
CA VAL A 18 6.16 3.95 4.64
C VAL A 18 7.63 4.09 5.10
N TRP A 19 8.48 3.25 4.52
CA TRP A 19 9.93 3.22 4.87
C TRP A 19 10.64 4.56 4.62
N VAL A 20 10.32 5.24 3.53
CA VAL A 20 11.02 6.52 3.22
C VAL A 20 10.82 7.56 4.33
N LYS A 21 9.61 7.63 4.87
CA LYS A 21 9.32 8.61 5.95
C LYS A 21 10.22 8.36 7.16
N ARG A 22 10.43 7.09 7.49
CA ARG A 22 11.29 6.73 8.66
C ARG A 22 12.71 7.28 8.49
N LYS A 23 13.24 7.19 7.27
CA LYS A 23 14.62 7.69 6.99
C LYS A 23 14.71 9.19 7.28
N GLU A 24 13.66 9.92 6.92
CA GLU A 24 13.65 11.40 7.14
C GLU A 24 13.17 11.74 8.55
N VAL A 25 14.08 11.65 9.52
CA VAL A 25 13.73 11.97 10.94
C VAL A 25 15.00 12.21 11.74
N GLN A 26 16.05 11.44 11.45
CA GLN A 26 17.35 11.58 12.18
C GLN A 26 18.37 12.33 11.32
N LYS A 27 18.09 12.40 10.02
CA LYS A 27 19.01 13.10 9.07
C LYS A 27 19.47 14.44 9.65
N THR A 28 20.79 14.60 9.78
CA THR A 28 21.36 15.87 10.32
C THR A 28 22.84 15.99 9.93
N ARG B 1 7.53 -24.39 -0.92
CA ARG B 1 6.26 -24.15 -0.17
C ARG B 1 5.83 -22.70 -0.33
N SER B 2 5.08 -22.43 -1.40
CA SER B 2 4.58 -21.04 -1.65
C SER B 2 3.23 -20.83 -0.96
N ASN B 3 3.27 -20.75 0.36
CA ASN B 3 2.02 -20.55 1.15
C ASN B 3 1.14 -19.47 0.52
N LEU B 4 0.04 -19.91 -0.07
CA LEU B 4 -0.92 -18.97 -0.73
C LEU B 4 -1.45 -17.95 0.27
N GLY B 5 -1.75 -18.41 1.48
CA GLY B 5 -2.29 -17.52 2.53
C GLY B 5 -1.33 -16.37 2.87
N TRP B 6 -0.02 -16.64 2.92
CA TRP B 6 0.96 -15.58 3.30
C TRP B 6 0.96 -14.37 2.36
N LEU B 7 0.83 -14.57 1.04
CA LEU B 7 0.84 -13.39 0.12
C LEU B 7 -0.33 -12.47 0.46
N SER B 8 -1.46 -13.10 0.78
CA SER B 8 -2.69 -12.35 1.16
C SER B 8 -2.44 -11.51 2.41
N LEU B 9 -1.68 -12.05 3.35
CA LEU B 9 -1.38 -11.33 4.62
C LEU B 9 -0.67 -9.98 4.35
N LEU B 10 0.24 -9.98 3.37
CA LEU B 10 1.06 -8.76 3.06
C LEU B 10 0.21 -7.53 2.67
N LEU B 11 -0.85 -7.71 1.88
CA LEU B 11 -1.71 -6.54 1.45
C LEU B 11 -2.38 -5.76 2.62
N LEU B 12 -2.87 -6.48 3.64
CA LEU B 12 -3.63 -5.82 4.79
C LEU B 12 -2.82 -4.76 5.58
N PRO B 13 -1.56 -4.95 5.88
CA PRO B 13 -0.74 -3.92 6.63
C PRO B 13 -0.41 -2.56 5.92
N ILE B 14 -0.24 -2.46 4.57
CA ILE B 14 0.10 -1.10 3.99
C ILE B 14 -1.06 -0.10 4.08
N PRO B 15 -2.28 -0.53 3.86
CA PRO B 15 -3.46 0.38 3.92
C PRO B 15 -3.57 1.11 5.27
N LEU B 16 -2.92 0.56 6.29
CA LEU B 16 -3.00 1.18 7.67
C LEU B 16 -2.48 2.62 7.67
N ILE B 17 -1.39 2.87 6.96
CA ILE B 17 -0.84 4.26 6.92
C ILE B 17 -1.87 5.24 6.36
N VAL B 18 -2.59 4.82 5.34
CA VAL B 18 -3.64 5.67 4.71
C VAL B 18 -4.71 6.05 5.74
N TRP B 19 -5.06 5.08 6.57
CA TRP B 19 -6.12 5.27 7.62
C TRP B 19 -5.77 6.38 8.60
N VAL B 20 -4.51 6.47 9.01
CA VAL B 20 -4.10 7.51 10.01
C VAL B 20 -4.39 8.92 9.50
N LYS B 21 -4.14 9.16 8.22
CA LYS B 21 -4.39 10.50 7.64
C LYS B 21 -5.86 10.89 7.78
N ARG B 22 -6.73 9.92 7.56
CA ARG B 22 -8.20 10.16 7.67
C ARG B 22 -8.56 10.62 9.08
N LYS B 23 -7.92 10.02 10.07
CA LYS B 23 -8.20 10.38 11.50
C LYS B 23 -7.89 11.85 11.75
N GLU B 24 -6.80 12.34 11.17
CA GLU B 24 -6.41 13.76 11.36
C GLU B 24 -6.33 14.08 12.85
N VAL B 25 -5.10 14.11 13.38
CA VAL B 25 -4.88 14.38 14.83
C VAL B 25 -5.57 15.68 15.26
N GLN B 26 -5.38 16.74 14.49
CA GLN B 26 -6.01 18.05 14.82
C GLN B 26 -5.95 19.01 13.65
N LYS B 27 -4.74 19.19 13.11
CA LYS B 27 -4.55 20.12 11.96
C LYS B 27 -3.16 19.94 11.36
N THR B 28 -2.14 19.95 12.22
CA THR B 28 -0.74 19.80 11.74
C THR B 28 -0.45 20.74 10.57
N ARG C 1 -17.69 -13.21 -0.02
CA ARG C 1 -18.17 -14.16 -1.05
C ARG C 1 -17.04 -14.51 -2.00
N SER C 2 -16.39 -13.48 -2.53
CA SER C 2 -15.26 -13.69 -3.47
C SER C 2 -14.14 -14.50 -2.79
N ASN C 3 -14.10 -14.43 -1.47
CA ASN C 3 -13.07 -15.18 -0.69
C ASN C 3 -11.67 -14.90 -1.25
N LEU C 4 -11.17 -15.81 -2.06
CA LEU C 4 -9.82 -15.64 -2.66
C LEU C 4 -9.76 -14.38 -3.50
N GLY C 5 -10.82 -14.10 -4.24
CA GLY C 5 -10.87 -12.88 -5.09
C GLY C 5 -10.71 -11.60 -4.25
N TRP C 6 -11.35 -11.55 -3.07
CA TRP C 6 -11.30 -10.31 -2.23
C TRP C 6 -9.88 -9.90 -1.80
N LEU C 7 -9.03 -10.84 -1.45
CA LEU C 7 -7.64 -10.45 -1.02
C LEU C 7 -6.93 -9.72 -2.14
N SER C 8 -7.11 -10.21 -3.37
CA SER C 8 -6.48 -9.60 -4.57
C SER C 8 -6.92 -8.12 -4.74
N LEU C 9 -8.17 -7.84 -4.48
CA LEU C 9 -8.68 -6.44 -4.63
C LEU C 9 -7.92 -5.47 -3.71
N LEU C 10 -7.60 -5.89 -2.50
CA LEU C 10 -6.92 -5.00 -1.50
C LEU C 10 -5.56 -4.45 -1.97
N LEU C 11 -4.74 -5.25 -2.65
CA LEU C 11 -3.39 -4.75 -3.11
C LEU C 11 -3.44 -3.53 -4.08
N LEU C 12 -4.38 -3.53 -5.03
CA LEU C 12 -4.48 -2.43 -6.07
C LEU C 12 -4.71 -0.99 -5.51
N PRO C 13 -5.54 -0.79 -4.51
CA PRO C 13 -5.79 0.57 -3.91
C PRO C 13 -4.67 1.23 -3.04
N ILE C 14 -3.73 0.50 -2.39
CA ILE C 14 -2.75 1.25 -1.52
C ILE C 14 -1.77 2.09 -2.35
N PRO C 15 -1.33 1.60 -3.48
CA PRO C 15 -0.40 2.36 -4.38
C PRO C 15 -1.01 3.68 -4.82
N LEU C 16 -2.33 3.77 -4.73
CA LEU C 16 -3.08 5.02 -5.17
C LEU C 16 -2.62 6.24 -4.39
N ILE C 17 -2.38 6.10 -3.09
CA ILE C 17 -1.98 7.25 -2.25
C ILE C 17 -0.69 7.90 -2.73
N VAL C 18 0.30 7.10 -3.14
CA VAL C 18 1.59 7.68 -3.60
C VAL C 18 1.35 8.59 -4.82
N TRP C 19 0.45 8.17 -5.69
CA TRP C 19 0.11 8.95 -6.91
C TRP C 19 -0.46 10.32 -6.54
N VAL C 20 -1.28 10.34 -5.50
CA VAL C 20 -1.92 11.62 -5.06
C VAL C 20 -0.87 12.66 -4.67
N LYS C 21 0.20 12.23 -4.00
CA LYS C 21 1.26 13.18 -3.58
C LYS C 21 1.87 13.86 -4.81
N ARG C 22 2.07 13.09 -5.87
CA ARG C 22 2.64 13.65 -7.13
C ARG C 22 1.75 14.75 -7.67
N LYS C 23 0.44 14.53 -7.59
CA LYS C 23 -0.55 15.53 -8.08
C LYS C 23 -0.39 16.86 -7.35
N GLU C 24 -0.15 16.78 -6.05
CA GLU C 24 0.01 18.01 -5.21
C GLU C 24 -1.29 18.79 -5.14
N VAL C 25 -1.74 19.10 -3.93
CA VAL C 25 -3.00 19.86 -3.74
C VAL C 25 -2.82 21.33 -4.10
N GLN C 26 -3.77 21.85 -4.87
CA GLN C 26 -3.73 23.28 -5.31
C GLN C 26 -5.02 23.98 -4.92
N LYS C 27 -6.15 23.41 -5.34
CA LYS C 27 -7.49 24.00 -5.02
C LYS C 27 -8.57 22.93 -5.13
N THR C 28 -9.34 22.77 -4.06
CA THR C 28 -10.43 21.75 -4.04
C THR C 28 -11.68 22.30 -4.72
N ARG A 1 -0.25 -18.60 -19.91
CA ARG A 1 -0.13 -17.20 -19.42
C ARG A 1 -0.20 -17.19 -17.90
N SER A 2 0.15 -16.06 -17.29
CA SER A 2 0.12 -15.92 -15.80
C SER A 2 -0.87 -14.84 -15.38
N ASN A 3 -1.63 -15.11 -14.31
CA ASN A 3 -2.63 -14.13 -13.81
C ASN A 3 -2.66 -14.12 -12.28
N LEU A 4 -2.80 -15.31 -11.69
CA LEU A 4 -2.82 -15.42 -10.20
C LEU A 4 -1.51 -14.89 -9.63
N GLY A 5 -0.42 -15.19 -10.29
CA GLY A 5 0.91 -14.74 -9.83
C GLY A 5 1.00 -13.20 -9.78
N TRP A 6 0.41 -12.52 -10.79
CA TRP A 6 0.49 -11.04 -10.86
C TRP A 6 -0.11 -10.31 -9.65
N LEU A 7 -1.25 -10.77 -9.13
CA LEU A 7 -1.85 -10.08 -7.95
C LEU A 7 -0.88 -10.08 -6.78
N SER A 8 -0.21 -11.21 -6.60
CA SER A 8 0.77 -11.36 -5.49
C SER A 8 1.89 -10.31 -5.63
N LEU A 9 2.31 -10.07 -6.85
CA LEU A 9 3.39 -9.06 -7.09
C LEU A 9 2.96 -7.68 -6.60
N LEU A 10 1.69 -7.32 -6.80
CA LEU A 10 1.18 -5.96 -6.44
C LEU A 10 1.32 -5.62 -4.94
N LEU A 11 1.08 -6.56 -4.04
CA LEU A 11 1.20 -6.30 -2.55
C LEU A 11 2.60 -5.88 -2.04
N LEU A 12 3.65 -6.51 -2.57
CA LEU A 12 5.07 -6.29 -2.08
C LEU A 12 5.61 -4.84 -2.17
N PRO A 13 5.36 -4.10 -3.20
CA PRO A 13 5.90 -2.70 -3.34
C PRO A 13 5.18 -1.55 -2.57
N ILE A 14 3.92 -1.68 -2.06
CA ILE A 14 3.33 -0.47 -1.38
C ILE A 14 4.01 -0.14 -0.05
N PRO A 15 4.46 -1.11 0.70
CA PRO A 15 5.16 -0.90 2.01
C PRO A 15 6.39 0.01 1.86
N LEU A 16 6.87 0.11 0.63
CA LEU A 16 8.11 0.93 0.32
C LEU A 16 7.93 2.41 0.69
N ILE A 17 6.75 2.96 0.45
CA ILE A 17 6.51 4.42 0.71
C ILE A 17 6.73 4.81 2.18
N VAL A 18 6.32 3.97 3.14
CA VAL A 18 6.51 4.33 4.57
C VAL A 18 7.99 4.53 4.91
N TRP A 19 8.85 3.70 4.35
CA TRP A 19 10.32 3.83 4.61
C TRP A 19 10.80 5.19 4.16
N VAL A 20 10.29 5.65 3.01
CA VAL A 20 10.68 6.98 2.47
C VAL A 20 10.29 8.06 3.47
N LYS A 21 9.12 7.89 4.08
CA LYS A 21 8.61 8.86 5.08
C LYS A 21 9.56 9.00 6.26
N ARG A 22 10.13 7.87 6.68
CA ARG A 22 11.08 7.89 7.84
C ARG A 22 12.27 8.79 7.54
N LYS A 23 12.77 8.73 6.30
CA LYS A 23 13.92 9.58 5.91
C LYS A 23 13.56 11.05 6.08
N GLU A 24 12.33 11.39 5.72
CA GLU A 24 11.85 12.80 5.85
C GLU A 24 12.73 13.75 5.05
N VAL A 25 12.10 14.65 4.31
CA VAL A 25 12.83 15.66 3.48
C VAL A 25 12.55 17.07 3.98
N GLN A 26 13.60 17.82 4.26
CA GLN A 26 13.45 19.22 4.77
C GLN A 26 14.80 19.92 4.83
N LYS A 27 15.27 20.25 6.03
CA LYS A 27 16.57 20.94 6.19
C LYS A 27 17.00 20.93 7.65
N THR A 28 16.42 21.83 8.45
CA THR A 28 16.77 21.91 9.89
C THR A 28 18.24 22.23 10.07
N ARG B 1 1.97 -28.23 2.47
CA ARG B 1 2.64 -26.99 2.00
C ARG B 1 1.62 -26.06 1.37
N SER B 2 1.84 -24.75 1.51
CA SER B 2 0.91 -23.74 0.94
C SER B 2 1.45 -22.34 1.15
N ASN B 3 2.19 -21.83 0.17
CA ASN B 3 2.78 -20.46 0.26
C ASN B 3 1.80 -19.43 -0.27
N LEU B 4 0.72 -19.91 -0.89
CA LEU B 4 -0.31 -19.00 -1.45
C LEU B 4 -0.93 -18.13 -0.36
N GLY B 5 -1.15 -18.71 0.79
CA GLY B 5 -1.76 -17.95 1.93
C GLY B 5 -0.88 -16.76 2.35
N TRP B 6 0.45 -16.94 2.37
CA TRP B 6 1.37 -15.85 2.82
C TRP B 6 1.26 -14.56 1.98
N LEU B 7 1.13 -14.66 0.66
CA LEU B 7 1.04 -13.42 -0.17
C LEU B 7 -0.18 -12.60 0.24
N SER B 8 -1.27 -13.29 0.50
CA SER B 8 -2.55 -12.65 0.93
C SER B 8 -2.35 -11.86 2.23
N LEU B 9 -1.59 -12.41 3.15
CA LEU B 9 -1.33 -11.75 4.46
C LEU B 9 -0.68 -10.37 4.27
N LEU B 10 0.23 -10.27 3.30
CA LEU B 10 0.99 -8.99 3.08
C LEU B 10 0.10 -7.78 2.74
N LEU B 11 -0.94 -7.95 1.94
CA LEU B 11 -1.84 -6.80 1.56
C LEU B 11 -2.56 -6.09 2.75
N LEU B 12 -3.03 -6.86 3.75
CA LEU B 12 -3.86 -6.27 4.87
C LEU B 12 -3.17 -5.16 5.71
N PRO B 13 -1.92 -5.24 6.04
CA PRO B 13 -1.23 -4.15 6.84
C PRO B 13 -0.84 -2.84 6.08
N ILE B 14 -0.69 -2.79 4.73
CA ILE B 14 -0.29 -1.48 4.10
C ILE B 14 -1.43 -0.43 4.17
N PRO B 15 -2.68 -0.82 4.04
CA PRO B 15 -3.85 0.12 4.11
C PRO B 15 -3.82 1.02 5.35
N LEU B 16 -3.08 0.60 6.37
CA LEU B 16 -3.00 1.38 7.64
C LEU B 16 -2.47 2.79 7.38
N ILE B 17 -1.48 2.89 6.50
CA ILE B 17 -0.88 4.22 6.20
C ILE B 17 -1.94 5.17 5.65
N VAL B 18 -2.84 4.67 4.82
CA VAL B 18 -3.91 5.51 4.24
C VAL B 18 -4.81 6.10 5.33
N TRP B 19 -5.12 5.30 6.35
CA TRP B 19 -6.05 5.73 7.44
C TRP B 19 -5.57 6.97 8.22
N VAL B 20 -4.27 7.06 8.52
CA VAL B 20 -3.77 8.24 9.29
C VAL B 20 -4.05 9.55 8.56
N LYS B 21 -3.87 9.53 7.24
CA LYS B 21 -4.10 10.76 6.43
C LYS B 21 -5.55 11.23 6.56
N ARG B 22 -6.48 10.29 6.58
CA ARG B 22 -7.92 10.64 6.69
C ARG B 22 -8.21 11.40 7.99
N LYS B 23 -7.57 10.98 9.07
CA LYS B 23 -7.80 11.65 10.39
C LYS B 23 -7.41 13.12 10.32
N GLU B 24 -6.31 13.41 9.64
CA GLU B 24 -5.82 14.82 9.49
C GLU B 24 -4.58 14.86 8.61
N VAL B 25 -3.62 15.72 8.98
CA VAL B 25 -2.36 15.85 8.21
C VAL B 25 -1.23 16.31 9.13
N GLN B 26 0.00 16.02 8.74
CA GLN B 26 1.18 16.41 9.57
C GLN B 26 1.24 17.93 9.74
N LYS B 27 2.39 18.53 9.49
CA LYS B 27 2.55 20.00 9.63
C LYS B 27 3.82 20.48 8.92
N THR B 28 4.65 21.25 9.61
CA THR B 28 5.91 21.77 9.00
C THR B 28 7.02 21.83 10.03
N ARG C 1 -10.28 -21.02 3.67
CA ARG C 1 -11.57 -20.27 3.63
C ARG C 1 -11.36 -18.93 2.93
N SER C 2 -12.34 -18.05 3.04
CA SER C 2 -12.23 -16.71 2.41
C SER C 2 -12.08 -16.84 0.89
N ASN C 3 -12.79 -15.99 0.16
CA ASN C 3 -12.73 -16.02 -1.34
C ASN C 3 -11.35 -15.57 -1.83
N LEU C 4 -10.75 -16.37 -2.71
CA LEU C 4 -9.41 -16.05 -3.26
C LEU C 4 -9.43 -14.72 -4.00
N GLY C 5 -10.49 -14.46 -4.74
CA GLY C 5 -10.60 -13.20 -5.50
C GLY C 5 -10.56 -11.96 -4.58
N TRP C 6 -11.20 -12.03 -3.41
CA TRP C 6 -11.26 -10.86 -2.49
C TRP C 6 -9.87 -10.39 -2.02
N LEU C 7 -8.96 -11.31 -1.71
CA LEU C 7 -7.61 -10.87 -1.23
C LEU C 7 -6.91 -10.03 -2.29
N SER C 8 -7.05 -10.43 -3.54
CA SER C 8 -6.42 -9.72 -4.68
C SER C 8 -6.89 -8.26 -4.78
N LEU C 9 -8.17 -8.03 -4.52
CA LEU C 9 -8.76 -6.66 -4.58
C LEU C 9 -8.08 -5.70 -3.59
N LEU C 10 -7.76 -6.19 -2.40
CA LEU C 10 -7.19 -5.33 -1.31
C LEU C 10 -5.86 -4.64 -1.68
N LEU C 11 -4.96 -5.31 -2.38
CA LEU C 11 -3.64 -4.68 -2.75
C LEU C 11 -3.75 -3.40 -3.61
N LEU C 12 -4.67 -3.36 -4.58
CA LEU C 12 -4.79 -2.19 -5.53
C LEU C 12 -5.10 -0.83 -4.86
N PRO C 13 -5.94 -0.72 -3.87
CA PRO C 13 -6.22 0.59 -3.19
C PRO C 13 -5.05 1.25 -2.40
N ILE C 14 -4.06 0.51 -1.85
CA ILE C 14 -2.99 1.22 -1.09
C ILE C 14 -2.05 2.05 -1.98
N PRO C 15 -1.61 1.58 -3.14
CA PRO C 15 -0.69 2.37 -4.03
C PRO C 15 -1.23 3.76 -4.39
N LEU C 16 -2.52 3.99 -4.25
CA LEU C 16 -3.05 5.34 -4.67
C LEU C 16 -2.38 6.46 -3.87
N ILE C 17 -2.14 6.26 -2.57
CA ILE C 17 -1.45 7.32 -1.77
C ILE C 17 -0.06 7.55 -2.36
N VAL C 18 0.60 6.46 -2.75
CA VAL C 18 1.96 6.52 -3.35
C VAL C 18 1.98 7.35 -4.63
N TRP C 19 0.94 7.20 -5.43
CA TRP C 19 0.87 7.93 -6.73
C TRP C 19 0.90 9.45 -6.52
N VAL C 20 0.21 9.93 -5.50
CA VAL C 20 0.19 11.39 -5.23
C VAL C 20 1.61 11.90 -4.97
N LYS C 21 2.38 11.10 -4.24
CA LYS C 21 3.80 11.47 -3.93
C LYS C 21 4.60 11.60 -5.22
N ARG C 22 4.34 10.71 -6.16
CA ARG C 22 5.05 10.72 -7.47
C ARG C 22 4.83 12.03 -8.21
N LYS C 23 3.60 12.54 -8.15
CA LYS C 23 3.27 13.81 -8.85
C LYS C 23 4.14 14.96 -8.33
N GLU C 24 4.36 14.96 -7.00
CA GLU C 24 5.19 15.99 -6.29
C GLU C 24 4.32 16.80 -5.33
N VAL C 25 4.95 17.76 -4.66
CA VAL C 25 4.21 18.63 -3.68
C VAL C 25 3.27 19.58 -4.42
N GLN C 26 3.49 19.73 -5.72
CA GLN C 26 2.64 20.64 -6.55
C GLN C 26 1.18 20.54 -6.13
N LYS C 27 0.49 21.68 -6.14
CA LYS C 27 -0.95 21.71 -5.75
C LYS C 27 -1.79 20.91 -6.74
N THR C 28 -1.68 19.58 -6.67
CA THR C 28 -2.44 18.67 -7.57
C THR C 28 -2.65 19.30 -8.95
N ARG A 1 -6.98 -20.58 -13.91
CA ARG A 1 -7.16 -19.13 -13.57
C ARG A 1 -5.97 -18.34 -14.10
N SER A 2 -4.78 -18.89 -13.92
CA SER A 2 -3.54 -18.22 -14.40
C SER A 2 -3.47 -16.77 -13.90
N ASN A 3 -2.40 -16.08 -14.26
CA ASN A 3 -2.22 -14.66 -13.84
C ASN A 3 -2.24 -14.54 -12.32
N LEU A 4 -2.30 -15.68 -11.64
CA LEU A 4 -2.32 -15.68 -10.14
C LEU A 4 -1.06 -15.03 -9.59
N GLY A 5 0.08 -15.30 -10.21
CA GLY A 5 1.36 -14.72 -9.73
C GLY A 5 1.36 -13.18 -9.76
N TRP A 6 0.78 -12.58 -10.81
CA TRP A 6 0.81 -11.08 -10.93
C TRP A 6 0.13 -10.34 -9.78
N LEU A 7 -1.01 -10.83 -9.27
CA LEU A 7 -1.68 -10.11 -8.15
C LEU A 7 -0.76 -10.04 -6.94
N SER A 8 -0.06 -11.14 -6.71
CA SER A 8 0.90 -11.24 -5.56
C SER A 8 2.01 -10.19 -5.67
N LEU A 9 2.48 -9.97 -6.88
CA LEU A 9 3.57 -8.97 -7.11
C LEU A 9 3.16 -7.56 -6.63
N LEU A 10 1.90 -7.18 -6.87
CA LEU A 10 1.43 -5.81 -6.51
C LEU A 10 1.55 -5.47 -5.01
N LEU A 11 1.26 -6.41 -4.12
CA LEU A 11 1.34 -6.12 -2.63
C LEU A 11 2.75 -5.71 -2.10
N LEU A 12 3.81 -6.36 -2.60
CA LEU A 12 5.22 -6.12 -2.07
C LEU A 12 5.74 -4.67 -2.18
N PRO A 13 5.51 -3.95 -3.24
CA PRO A 13 6.00 -2.54 -3.35
C PRO A 13 5.17 -1.43 -2.63
N ILE A 14 3.89 -1.63 -2.21
CA ILE A 14 3.18 -0.48 -1.55
C ILE A 14 3.76 -0.18 -0.16
N PRO A 15 4.16 -1.17 0.61
CA PRO A 15 4.75 -0.96 1.96
C PRO A 15 6.07 -0.17 1.89
N LEU A 16 6.68 -0.17 0.71
CA LEU A 16 8.00 0.55 0.53
C LEU A 16 7.85 2.05 0.83
N ILE A 17 6.74 2.65 0.40
CA ILE A 17 6.52 4.10 0.63
C ILE A 17 6.53 4.44 2.12
N VAL A 18 5.92 3.59 2.95
CA VAL A 18 5.88 3.85 4.40
C VAL A 18 7.29 3.95 4.98
N TRP A 19 8.17 3.08 4.51
CA TRP A 19 9.58 3.08 5.00
C TRP A 19 10.25 4.41 4.70
N VAL A 20 9.95 4.96 3.53
CA VAL A 20 10.55 6.26 3.10
C VAL A 20 10.18 7.38 4.07
N LYS A 21 8.93 7.38 4.54
CA LYS A 21 8.47 8.45 5.46
C LYS A 21 9.30 8.47 6.74
N ARG A 22 9.64 7.29 7.25
CA ARG A 22 10.46 7.20 8.49
C ARG A 22 11.80 7.90 8.29
N LYS A 23 12.39 7.69 7.11
CA LYS A 23 13.70 8.32 6.78
C LYS A 23 13.61 9.84 6.85
N GLU A 24 12.50 10.38 6.37
CA GLU A 24 12.29 11.86 6.38
C GLU A 24 13.51 12.57 5.79
N VAL A 25 13.40 12.95 4.51
CA VAL A 25 14.53 13.64 3.80
C VAL A 25 14.07 15.02 3.33
N GLN A 26 14.95 16.01 3.47
CA GLN A 26 14.64 17.40 3.04
C GLN A 26 15.09 17.62 1.60
N LYS A 27 15.05 18.87 1.16
CA LYS A 27 15.47 19.21 -0.23
C LYS A 27 16.91 18.75 -0.48
N THR A 28 17.87 19.57 -0.09
CA THR A 28 19.32 19.23 -0.27
C THR A 28 19.96 18.91 1.07
N ARG B 1 6.75 -24.59 -2.07
CA ARG B 1 5.55 -24.57 -2.96
C ARG B 1 4.92 -23.18 -2.90
N SER B 2 3.97 -22.93 -3.80
CA SER B 2 3.28 -21.61 -3.84
C SER B 2 2.35 -21.45 -2.64
N ASN B 3 2.55 -20.38 -1.88
CA ASN B 3 1.71 -20.11 -0.67
C ASN B 3 0.73 -18.97 -0.95
N LEU B 4 -0.46 -19.31 -1.43
CA LEU B 4 -1.49 -18.29 -1.75
C LEU B 4 -1.86 -17.49 -0.50
N GLY B 5 -1.96 -18.16 0.63
CA GLY B 5 -2.31 -17.47 1.90
C GLY B 5 -1.28 -16.39 2.27
N TRP B 6 0.02 -16.67 2.07
CA TRP B 6 1.08 -15.68 2.46
C TRP B 6 0.95 -14.33 1.75
N LEU B 7 0.65 -14.33 0.45
CA LEU B 7 0.54 -13.03 -0.28
C LEU B 7 -0.54 -12.16 0.34
N SER B 8 -1.63 -12.80 0.70
CA SER B 8 -2.80 -12.07 1.29
C SER B 8 -2.43 -11.34 2.57
N LEU B 9 -1.61 -11.91 3.41
CA LEU B 9 -1.24 -11.23 4.67
C LEU B 9 -0.54 -9.87 4.39
N LEU B 10 0.32 -9.83 3.38
CA LEU B 10 1.10 -8.59 3.05
C LEU B 10 0.24 -7.36 2.69
N LEU B 11 -0.84 -7.56 1.94
CA LEU B 11 -1.74 -6.42 1.49
C LEU B 11 -2.42 -5.64 2.64
N LEU B 12 -2.85 -6.37 3.67
CA LEU B 12 -3.66 -5.79 4.81
C LEU B 12 -2.98 -4.64 5.60
N PRO B 13 -1.71 -4.69 5.88
CA PRO B 13 -1.01 -3.63 6.69
C PRO B 13 -0.65 -2.29 5.98
N ILE B 14 -0.52 -2.19 4.63
CA ILE B 14 -0.14 -0.83 4.07
C ILE B 14 -1.26 0.21 4.19
N PRO B 15 -2.51 -0.17 4.10
CA PRO B 15 -3.63 0.80 4.22
C PRO B 15 -3.59 1.58 5.54
N LEU B 16 -2.92 1.02 6.54
CA LEU B 16 -2.87 1.68 7.89
C LEU B 16 -2.25 3.08 7.85
N ILE B 17 -1.18 3.29 7.07
CA ILE B 17 -0.55 4.65 7.04
C ILE B 17 -1.54 5.69 6.55
N VAL B 18 -2.34 5.32 5.54
CA VAL B 18 -3.35 6.26 4.99
C VAL B 18 -4.34 6.67 6.08
N TRP B 19 -4.72 5.69 6.90
CA TRP B 19 -5.69 5.93 8.02
C TRP B 19 -5.18 6.98 9.00
N VAL B 20 -3.88 6.93 9.29
CA VAL B 20 -3.28 7.90 10.26
C VAL B 20 -3.47 9.34 9.81
N LYS B 21 -3.31 9.59 8.52
CA LYS B 21 -3.46 10.98 8.00
C LYS B 21 -4.86 11.50 8.28
N ARG B 22 -5.86 10.63 8.12
CA ARG B 22 -7.27 11.03 8.36
C ARG B 22 -7.47 11.47 9.81
N LYS B 23 -6.83 10.76 10.73
CA LYS B 23 -6.95 11.09 12.18
C LYS B 23 -6.46 12.51 12.46
N GLU B 24 -5.37 12.90 11.80
CA GLU B 24 -4.80 14.27 11.98
C GLU B 24 -3.55 14.44 11.11
N VAL B 25 -2.47 14.99 11.69
CA VAL B 25 -1.20 15.19 10.94
C VAL B 25 -0.03 14.65 11.76
N GLN B 26 0.72 15.55 12.39
CA GLN B 26 1.88 15.12 13.23
C GLN B 26 1.46 14.92 14.67
N LYS B 27 2.39 14.44 15.50
CA LYS B 27 2.08 14.19 16.93
C LYS B 27 1.93 15.52 17.68
N THR B 28 0.89 15.63 18.48
CA THR B 28 0.63 16.88 19.26
C THR B 28 1.88 17.28 20.03
N ARG C 1 -18.44 -14.09 -2.92
CA ARG C 1 -18.37 -15.31 -3.79
C ARG C 1 -17.31 -16.25 -3.24
N SER C 2 -16.04 -15.94 -3.53
CA SER C 2 -14.89 -16.79 -3.06
C SER C 2 -14.12 -16.07 -1.97
N ASN C 3 -13.00 -16.67 -1.54
CA ASN C 3 -12.13 -16.08 -0.49
C ASN C 3 -10.79 -15.64 -1.06
N LEU C 4 -10.17 -16.54 -1.83
CA LEU C 4 -8.85 -16.24 -2.46
C LEU C 4 -8.97 -15.03 -3.37
N GLY C 5 -10.07 -14.95 -4.11
CA GLY C 5 -10.29 -13.81 -5.04
C GLY C 5 -10.30 -12.47 -4.28
N TRP C 6 -10.92 -12.46 -3.10
CA TRP C 6 -11.03 -11.22 -2.28
C TRP C 6 -9.66 -10.64 -1.91
N LEU C 7 -8.69 -11.49 -1.56
CA LEU C 7 -7.34 -10.97 -1.16
C LEU C 7 -6.71 -10.18 -2.29
N SER C 8 -6.86 -10.65 -3.51
CA SER C 8 -6.28 -9.96 -4.70
C SER C 8 -6.84 -8.54 -4.83
N LEU C 9 -8.12 -8.37 -4.55
CA LEU C 9 -8.76 -7.02 -4.64
C LEU C 9 -8.09 -6.00 -3.70
N LEU C 10 -7.73 -6.44 -2.49
CA LEU C 10 -7.14 -5.53 -1.45
C LEU C 10 -5.83 -4.84 -1.89
N LEU C 11 -4.94 -5.54 -2.58
CA LEU C 11 -3.64 -4.93 -3.03
C LEU C 11 -3.81 -3.69 -3.98
N LEU C 12 -4.76 -3.75 -4.91
CA LEU C 12 -4.96 -2.63 -5.93
C LEU C 12 -5.29 -1.24 -5.33
N PRO C 13 -6.11 -1.12 -4.32
CA PRO C 13 -6.42 0.22 -3.69
C PRO C 13 -5.26 0.93 -2.95
N ILE C 14 -4.24 0.25 -2.38
CA ILE C 14 -3.19 1.02 -1.67
C ILE C 14 -2.32 1.81 -2.67
N PRO C 15 -1.88 1.23 -3.77
CA PRO C 15 -1.06 1.96 -4.79
C PRO C 15 -1.52 3.40 -5.03
N LEU C 16 -2.80 3.69 -4.78
CA LEU C 16 -3.30 5.10 -5.06
C LEU C 16 -2.54 6.13 -4.24
N ILE C 17 -2.24 5.83 -2.98
CA ILE C 17 -1.49 6.80 -2.12
C ILE C 17 -0.12 7.10 -2.73
N VAL C 18 0.53 6.06 -3.25
CA VAL C 18 1.88 6.22 -3.86
C VAL C 18 1.84 7.22 -5.01
N TRP C 19 0.78 7.16 -5.81
CA TRP C 19 0.63 8.08 -6.97
C TRP C 19 0.60 9.53 -6.47
N VAL C 20 -0.07 9.75 -5.35
CA VAL C 20 -0.16 11.11 -4.75
C VAL C 20 1.24 11.62 -4.40
N LYS C 21 2.06 10.70 -3.89
CA LYS C 21 3.46 11.05 -3.50
C LYS C 21 4.24 11.56 -4.70
N ARG C 22 4.02 10.94 -5.86
CA ARG C 22 4.74 11.35 -7.09
C ARG C 22 4.43 12.80 -7.43
N LYS C 23 3.17 13.19 -7.24
CA LYS C 23 2.75 14.60 -7.52
C LYS C 23 3.55 15.56 -6.66
N GLU C 24 3.77 15.19 -5.41
CA GLU C 24 4.54 16.04 -4.45
C GLU C 24 3.65 17.14 -3.86
N VAL C 25 2.54 17.43 -4.54
CA VAL C 25 1.58 18.48 -4.07
C VAL C 25 2.31 19.59 -3.32
N GLN C 26 2.80 20.58 -4.09
CA GLN C 26 3.55 21.74 -3.51
C GLN C 26 3.16 22.00 -2.05
N LYS C 27 4.16 22.02 -1.17
CA LYS C 27 3.92 22.27 0.27
C LYS C 27 3.49 23.71 0.51
N THR C 28 2.70 23.93 1.55
CA THR C 28 2.20 25.29 1.89
C THR C 28 3.23 26.01 2.77
N ARG A 1 3.26 -13.71 -18.07
CA ARG A 1 1.79 -13.78 -17.84
C ARG A 1 1.48 -14.91 -16.87
N SER A 2 1.31 -14.55 -15.59
CA SER A 2 1.00 -15.56 -14.53
C SER A 2 -0.42 -15.37 -14.00
N ASN A 3 -1.06 -14.28 -14.43
CA ASN A 3 -2.44 -13.97 -13.99
C ASN A 3 -2.53 -13.95 -12.46
N LEU A 4 -2.69 -15.13 -11.87
CA LEU A 4 -2.80 -15.24 -10.39
C LEU A 4 -1.53 -14.70 -9.74
N GLY A 5 -0.39 -15.01 -10.33
CA GLY A 5 0.91 -14.55 -9.80
C GLY A 5 1.00 -13.02 -9.75
N TRP A 6 0.46 -12.34 -10.77
CA TRP A 6 0.54 -10.86 -10.83
C TRP A 6 -0.14 -10.18 -9.63
N LEU A 7 -1.29 -10.69 -9.20
CA LEU A 7 -1.98 -10.04 -8.04
C LEU A 7 -1.07 -10.08 -6.80
N SER A 8 -0.38 -11.19 -6.64
CA SER A 8 0.59 -11.38 -5.51
C SER A 8 1.72 -10.33 -5.54
N LEU A 9 2.19 -10.02 -6.74
CA LEU A 9 3.32 -9.05 -6.92
C LEU A 9 3.02 -7.62 -6.39
N LEU A 10 1.79 -7.15 -6.59
CA LEU A 10 1.42 -5.74 -6.20
C LEU A 10 1.60 -5.42 -4.71
N LEU A 11 1.27 -6.33 -3.81
CA LEU A 11 1.39 -6.02 -2.34
C LEU A 11 2.83 -5.69 -1.86
N LEU A 12 3.84 -6.40 -2.38
CA LEU A 12 5.26 -6.19 -1.91
C LEU A 12 5.81 -4.75 -2.13
N PRO A 13 5.55 -4.09 -3.24
CA PRO A 13 6.01 -2.67 -3.48
C PRO A 13 5.30 -1.51 -2.72
N ILE A 14 4.03 -1.61 -2.26
CA ILE A 14 3.45 -0.40 -1.58
C ILE A 14 4.08 -0.11 -0.22
N PRO A 15 4.45 -1.11 0.54
CA PRO A 15 5.08 -0.94 1.88
C PRO A 15 6.36 -0.09 1.84
N LEU A 16 7.02 -0.05 0.68
CA LEU A 16 8.31 0.74 0.55
C LEU A 16 8.08 2.22 0.85
N ILE A 17 6.97 2.76 0.39
CA ILE A 17 6.65 4.21 0.60
C ILE A 17 6.57 4.58 2.08
N VAL A 18 5.99 3.72 2.90
CA VAL A 18 5.84 4.06 4.35
C VAL A 18 7.19 4.31 5.03
N TRP A 19 8.20 3.50 4.68
CA TRP A 19 9.55 3.63 5.34
C TRP A 19 10.20 5.00 5.13
N VAL A 20 10.08 5.59 3.94
CA VAL A 20 10.72 6.93 3.70
C VAL A 20 10.13 7.97 4.65
N LYS A 21 8.82 7.90 4.86
CA LYS A 21 8.13 8.86 5.77
C LYS A 21 8.71 8.81 7.18
N ARG A 22 9.01 7.60 7.64
CA ARG A 22 9.57 7.43 9.01
C ARG A 22 10.90 8.18 9.14
N LYS A 23 11.72 8.11 8.09
CA LYS A 23 13.03 8.82 8.10
C LYS A 23 12.83 10.32 8.30
N GLU A 24 11.80 10.86 7.65
CA GLU A 24 11.49 12.32 7.75
C GLU A 24 12.78 13.15 7.78
N VAL A 25 13.31 13.36 8.98
CA VAL A 25 14.56 14.16 9.13
C VAL A 25 15.56 13.83 8.03
N GLN A 26 16.34 14.82 7.61
CA GLN A 26 17.35 14.62 6.53
C GLN A 26 18.73 15.05 7.02
N LYS A 27 19.69 15.09 6.09
CA LYS A 27 21.08 15.49 6.44
C LYS A 27 21.22 17.01 6.42
N THR A 28 22.38 17.50 6.85
CA THR A 28 22.64 18.98 6.88
C THR A 28 23.78 19.33 5.92
N ARG B 1 5.41 -22.83 -3.88
CA ARG B 1 5.01 -24.04 -3.11
C ARG B 1 3.91 -23.68 -2.12
N SER B 2 3.65 -24.56 -1.18
CA SER B 2 2.60 -24.32 -0.15
C SER B 2 2.85 -23.01 0.59
N ASN B 3 2.48 -21.90 -0.04
CA ASN B 3 2.68 -20.56 0.59
C ASN B 3 1.70 -19.54 0.00
N LEU B 4 0.63 -20.05 -0.59
CA LEU B 4 -0.40 -19.15 -1.19
C LEU B 4 -1.00 -18.24 -0.13
N GLY B 5 -1.23 -18.77 1.05
CA GLY B 5 -1.82 -17.98 2.16
C GLY B 5 -0.93 -16.78 2.54
N TRP B 6 0.40 -16.98 2.54
CA TRP B 6 1.34 -15.89 2.94
C TRP B 6 1.24 -14.63 2.05
N LEU B 7 1.08 -14.78 0.73
CA LEU B 7 0.98 -13.56 -0.14
C LEU B 7 -0.22 -12.72 0.28
N SER B 8 -1.31 -13.39 0.59
CA SER B 8 -2.57 -12.70 1.01
C SER B 8 -2.34 -11.87 2.28
N LEU B 9 -1.57 -12.40 3.21
CA LEU B 9 -1.28 -11.69 4.50
C LEU B 9 -0.61 -10.31 4.26
N LEU B 10 0.32 -10.26 3.30
CA LEU B 10 1.09 -9.00 3.04
C LEU B 10 0.22 -7.79 2.65
N LEU B 11 -0.82 -7.99 1.84
CA LEU B 11 -1.72 -6.85 1.39
C LEU B 11 -2.45 -6.11 2.55
N LEU B 12 -2.91 -6.85 3.56
CA LEU B 12 -3.78 -6.27 4.67
C LEU B 12 -3.15 -5.12 5.50
N PRO B 13 -1.91 -5.17 5.85
CA PRO B 13 -1.27 -4.08 6.66
C PRO B 13 -0.79 -2.81 5.91
N ILE B 14 -0.69 -2.77 4.56
CA ILE B 14 -0.19 -1.50 3.92
C ILE B 14 -1.23 -0.36 4.04
N PRO B 15 -2.51 -0.64 3.95
CA PRO B 15 -3.59 0.39 4.05
C PRO B 15 -3.48 1.26 5.32
N LEU B 16 -2.76 0.77 6.31
CA LEU B 16 -2.65 1.52 7.63
C LEU B 16 -2.06 2.91 7.43
N ILE B 17 -1.04 3.05 6.58
CA ILE B 17 -0.44 4.39 6.35
C ILE B 17 -1.52 5.34 5.82
N VAL B 18 -2.36 4.82 4.93
CA VAL B 18 -3.46 5.63 4.34
C VAL B 18 -4.41 6.16 5.41
N TRP B 19 -4.70 5.32 6.40
CA TRP B 19 -5.65 5.70 7.50
C TRP B 19 -5.18 6.93 8.26
N VAL B 20 -3.88 7.03 8.53
CA VAL B 20 -3.35 8.19 9.29
C VAL B 20 -3.65 9.50 8.55
N LYS B 21 -3.52 9.47 7.24
CA LYS B 21 -3.78 10.68 6.40
C LYS B 21 -5.24 11.13 6.59
N ARG B 22 -6.15 10.17 6.66
CA ARG B 22 -7.59 10.50 6.84
C ARG B 22 -7.80 11.28 8.13
N LYS B 23 -7.09 10.87 9.18
CA LYS B 23 -7.21 11.56 10.50
C LYS B 23 -6.82 13.03 10.37
N GLU B 24 -5.77 13.28 9.59
CA GLU B 24 -5.30 14.68 9.37
C GLU B 24 -4.87 15.32 10.69
N VAL B 25 -3.55 15.49 10.86
CA VAL B 25 -3.01 16.11 12.12
C VAL B 25 -2.15 17.33 11.78
N GLN B 26 -2.41 18.42 12.49
CA GLN B 26 -1.64 19.69 12.26
C GLN B 26 -0.57 19.88 13.32
N LYS B 27 0.48 20.61 12.97
CA LYS B 27 1.60 20.87 13.92
C LYS B 27 2.08 19.58 14.56
N THR B 28 1.69 19.37 15.82
CA THR B 28 2.10 18.14 16.57
C THR B 28 0.88 17.43 17.13
N ARG C 1 -9.78 -17.38 5.63
CA ARG C 1 -9.19 -17.12 4.29
C ARG C 1 -10.22 -16.39 3.42
N SER C 2 -11.50 -16.65 3.68
CA SER C 2 -12.60 -16.00 2.90
C SER C 2 -12.41 -16.28 1.42
N ASN C 3 -13.16 -15.54 0.59
CA ASN C 3 -13.08 -15.73 -0.88
C ASN C 3 -11.67 -15.41 -1.38
N LEU C 4 -11.14 -16.31 -2.21
CA LEU C 4 -9.77 -16.12 -2.77
C LEU C 4 -9.70 -14.83 -3.57
N GLY C 5 -10.76 -14.56 -4.32
CA GLY C 5 -10.82 -13.33 -5.15
C GLY C 5 -10.72 -12.06 -4.29
N TRP C 6 -11.37 -12.07 -3.12
CA TRP C 6 -11.38 -10.85 -2.24
C TRP C 6 -9.98 -10.43 -1.80
N LEU C 7 -9.10 -11.36 -1.47
CA LEU C 7 -7.73 -10.97 -1.04
C LEU C 7 -7.04 -10.20 -2.17
N SER C 8 -7.25 -10.65 -3.39
CA SER C 8 -6.65 -9.99 -4.58
C SER C 8 -7.11 -8.54 -4.69
N LEU C 9 -8.37 -8.28 -4.38
CA LEU C 9 -8.96 -6.90 -4.45
C LEU C 9 -8.24 -5.90 -3.52
N LEU C 10 -7.85 -6.36 -2.34
CA LEU C 10 -7.23 -5.48 -1.28
C LEU C 10 -5.95 -4.75 -1.71
N LEU C 11 -5.08 -5.40 -2.45
CA LEU C 11 -3.76 -4.79 -2.93
C LEU C 11 -3.90 -3.53 -3.81
N LEU C 12 -4.88 -3.54 -4.70
CA LEU C 12 -5.03 -2.45 -5.74
C LEU C 12 -5.22 -1.02 -5.16
N PRO C 13 -5.97 -0.84 -4.11
CA PRO C 13 -6.22 0.52 -3.53
C PRO C 13 -5.05 1.20 -2.75
N ILE C 14 -4.08 0.49 -2.11
CA ILE C 14 -3.03 1.26 -1.38
C ILE C 14 -2.08 2.01 -2.33
N PRO C 15 -1.72 1.44 -3.45
CA PRO C 15 -0.80 2.12 -4.42
C PRO C 15 -1.24 3.54 -4.78
N LEU C 16 -2.52 3.84 -4.58
CA LEU C 16 -3.07 5.21 -4.93
C LEU C 16 -2.36 6.34 -4.19
N ILE C 17 -2.04 6.15 -2.92
CA ILE C 17 -1.38 7.24 -2.13
C ILE C 17 -0.03 7.64 -2.76
N VAL C 18 0.73 6.65 -3.23
CA VAL C 18 2.07 6.96 -3.83
C VAL C 18 1.92 7.92 -5.02
N TRP C 19 0.90 7.69 -5.84
CA TRP C 19 0.67 8.58 -7.02
C TRP C 19 0.45 10.02 -6.57
N VAL C 20 -0.28 10.18 -5.47
CA VAL C 20 -0.57 11.54 -4.93
C VAL C 20 0.72 12.26 -4.56
N LYS C 21 1.67 11.52 -4.00
CA LYS C 21 2.97 12.13 -3.60
C LYS C 21 3.69 12.72 -4.81
N ARG C 22 3.63 12.01 -5.93
CA ARG C 22 4.30 12.48 -7.17
C ARG C 22 3.74 13.84 -7.59
N LYS C 23 2.43 14.00 -7.47
CA LYS C 23 1.77 15.29 -7.83
C LYS C 23 2.33 16.44 -7.01
N GLU C 24 2.57 16.18 -5.72
CA GLU C 24 3.12 17.23 -4.82
C GLU C 24 2.23 18.46 -4.82
N VAL C 25 1.33 18.54 -3.84
CA VAL C 25 0.40 19.70 -3.73
C VAL C 25 0.84 20.64 -2.62
N GLN C 26 1.27 20.07 -1.50
CA GLN C 26 1.74 20.88 -0.34
C GLN C 26 3.25 21.13 -0.44
N LYS C 27 3.66 22.32 -0.02
CA LYS C 27 5.11 22.68 -0.06
C LYS C 27 5.66 22.53 -1.47
N THR C 28 6.07 23.64 -2.07
CA THR C 28 6.63 23.62 -3.44
C THR C 28 7.62 22.47 -3.60
N ARG A 1 -2.94 -19.82 -15.60
CA ARG A 1 -1.76 -19.10 -16.19
C ARG A 1 -1.12 -18.23 -15.11
N SER A 2 -0.31 -17.27 -15.56
CA SER A 2 0.37 -16.35 -14.60
C SER A 2 -0.65 -15.48 -13.86
N ASN A 3 -1.91 -15.59 -14.26
CA ASN A 3 -2.99 -14.80 -13.60
C ASN A 3 -2.81 -14.77 -12.09
N LEU A 4 -2.80 -15.95 -11.48
CA LEU A 4 -2.61 -16.06 -10.00
C LEU A 4 -1.28 -15.46 -9.58
N GLY A 5 -0.24 -15.69 -10.34
CA GLY A 5 1.09 -15.13 -9.96
C GLY A 5 1.07 -13.59 -9.88
N TRP A 6 0.38 -12.94 -10.83
CA TRP A 6 0.35 -11.43 -10.89
C TRP A 6 -0.22 -10.73 -9.64
N LEU A 7 -1.30 -11.23 -9.04
CA LEU A 7 -1.87 -10.50 -7.85
C LEU A 7 -0.85 -10.39 -6.73
N SER A 8 -0.11 -11.46 -6.53
CA SER A 8 0.94 -11.48 -5.46
C SER A 8 1.98 -10.38 -5.72
N LEU A 9 2.34 -10.19 -6.97
CA LEU A 9 3.36 -9.15 -7.32
C LEU A 9 2.90 -7.74 -6.90
N LEU A 10 1.61 -7.43 -7.08
CA LEU A 10 1.09 -6.07 -6.76
C LEU A 10 1.26 -5.67 -5.29
N LEU A 11 1.05 -6.58 -4.34
CA LEU A 11 1.19 -6.28 -2.87
C LEU A 11 2.61 -5.84 -2.41
N LEU A 12 3.66 -6.48 -2.95
CA LEU A 12 5.08 -6.25 -2.49
C LEU A 12 5.62 -4.80 -2.61
N PRO A 13 5.33 -4.05 -3.64
CA PRO A 13 5.85 -2.65 -3.74
C PRO A 13 5.12 -1.56 -2.91
N ILE A 14 3.87 -1.73 -2.42
CA ILE A 14 3.27 -0.61 -1.64
C ILE A 14 3.93 -0.43 -0.26
N PRO A 15 4.32 -1.50 0.41
CA PRO A 15 5.01 -1.42 1.73
C PRO A 15 6.10 -0.35 1.76
N LEU A 16 6.54 0.05 0.59
CA LEU A 16 7.62 1.10 0.46
C LEU A 16 7.18 2.42 1.12
N ILE A 17 5.91 2.78 0.96
CA ILE A 17 5.41 4.08 1.52
C ILE A 17 5.58 4.12 3.05
N VAL A 18 5.33 3.01 3.73
CA VAL A 18 5.47 3.00 5.22
C VAL A 18 6.90 3.33 5.63
N TRP A 19 7.86 2.80 4.89
CA TRP A 19 9.30 3.05 5.18
C TRP A 19 9.62 4.54 5.12
N VAL A 20 9.04 5.22 4.12
CA VAL A 20 9.30 6.67 3.94
C VAL A 20 8.87 7.46 5.18
N LYS A 21 7.74 7.08 5.77
CA LYS A 21 7.25 7.78 6.98
C LYS A 21 8.27 7.70 8.11
N ARG A 22 8.89 6.53 8.25
CA ARG A 22 9.91 6.32 9.30
C ARG A 22 11.07 7.30 9.12
N LYS A 23 11.46 7.52 7.88
CA LYS A 23 12.59 8.45 7.56
C LYS A 23 12.28 9.85 8.07
N GLU A 24 11.03 10.28 7.91
CA GLU A 24 10.63 11.65 8.35
C GLU A 24 11.12 11.93 9.76
N VAL A 25 10.24 11.81 10.74
CA VAL A 25 10.60 12.06 12.17
C VAL A 25 10.42 10.79 13.01
N GLN A 26 11.49 10.04 13.19
CA GLN A 26 11.43 8.78 13.99
C GLN A 26 12.83 8.20 14.17
N LYS A 27 13.54 8.70 15.18
CA LYS A 27 14.92 8.22 15.48
C LYS A 27 15.20 8.30 16.97
N THR A 28 15.47 7.15 17.57
CA THR A 28 15.77 7.09 19.04
C THR A 28 17.26 7.32 19.29
N ARG B 1 8.76 -22.92 -0.97
CA ARG B 1 8.78 -21.60 -0.25
C ARG B 1 7.61 -20.76 -0.70
N SER B 2 7.69 -19.45 -0.47
CA SER B 2 6.61 -18.52 -0.86
C SER B 2 5.23 -19.15 -0.65
N ASN B 3 4.82 -19.25 0.60
CA ASN B 3 3.49 -19.84 0.93
C ASN B 3 2.38 -18.99 0.33
N LEU B 4 1.37 -19.64 -0.23
CA LEU B 4 0.23 -18.92 -0.86
C LEU B 4 -0.46 -18.02 0.16
N GLY B 5 -0.61 -18.53 1.37
CA GLY B 5 -1.26 -17.73 2.45
C GLY B 5 -0.50 -16.44 2.73
N TRP B 6 0.84 -16.50 2.74
CA TRP B 6 1.69 -15.31 3.06
C TRP B 6 1.48 -14.12 2.11
N LEU B 7 1.34 -14.36 0.81
CA LEU B 7 1.17 -13.19 -0.12
C LEU B 7 -0.08 -12.40 0.24
N SER B 8 -1.15 -13.10 0.58
CA SER B 8 -2.43 -12.46 0.97
C SER B 8 -2.24 -11.57 2.21
N LEU B 9 -1.45 -12.05 3.15
CA LEU B 9 -1.17 -11.30 4.42
C LEU B 9 -0.53 -9.92 4.16
N LEU B 10 0.38 -9.87 3.19
CA LEU B 10 1.16 -8.62 2.90
C LEU B 10 0.28 -7.39 2.55
N LEU B 11 -0.77 -7.58 1.77
CA LEU B 11 -1.68 -6.43 1.36
C LEU B 11 -2.37 -5.69 2.54
N LEU B 12 -2.82 -6.42 3.55
CA LEU B 12 -3.60 -5.81 4.71
C LEU B 12 -2.84 -4.73 5.52
N PRO B 13 -1.56 -4.88 5.82
CA PRO B 13 -0.77 -3.84 6.59
C PRO B 13 -0.42 -2.50 5.89
N ILE B 14 -0.29 -2.38 4.55
CA ILE B 14 0.10 -1.03 4.01
C ILE B 14 -1.02 0.01 4.17
N PRO B 15 -2.26 -0.35 4.00
CA PRO B 15 -3.42 0.60 4.13
C PRO B 15 -3.38 1.41 5.43
N LEU B 16 -2.64 0.93 6.42
CA LEU B 16 -2.57 1.64 7.74
C LEU B 16 -2.02 3.06 7.61
N ILE B 17 -1.02 3.27 6.77
CA ILE B 17 -0.40 4.62 6.62
C ILE B 17 -1.42 5.66 6.14
N VAL B 18 -2.29 5.28 5.23
CA VAL B 18 -3.30 6.25 4.69
C VAL B 18 -4.20 6.80 5.81
N TRP B 19 -4.60 5.93 6.73
CA TRP B 19 -5.52 6.35 7.84
C TRP B 19 -4.92 7.46 8.71
N VAL B 20 -3.61 7.38 8.99
CA VAL B 20 -2.96 8.41 9.85
C VAL B 20 -3.08 9.80 9.22
N LYS B 21 -2.92 9.85 7.90
CA LYS B 21 -3.01 11.16 7.17
C LYS B 21 -4.36 11.81 7.36
N ARG B 22 -5.42 10.99 7.34
CA ARG B 22 -6.80 11.53 7.51
C ARG B 22 -6.94 12.22 8.87
N LYS B 23 -6.34 11.63 9.89
CA LYS B 23 -6.41 12.21 11.26
C LYS B 23 -5.80 13.61 11.27
N GLU B 24 -4.69 13.78 10.55
CA GLU B 24 -4.01 15.10 10.49
C GLU B 24 -3.67 15.60 11.88
N VAL B 25 -2.48 15.22 12.37
CA VAL B 25 -2.03 15.64 13.73
C VAL B 25 -0.57 16.08 13.69
N GLN B 26 0.02 16.05 12.51
CA GLN B 26 1.44 16.47 12.35
C GLN B 26 1.61 17.96 12.61
N LYS B 27 0.71 18.76 12.02
CA LYS B 27 0.77 20.24 12.22
C LYS B 27 2.14 20.79 11.86
N THR B 28 2.22 22.10 11.67
CA THR B 28 3.52 22.75 11.32
C THR B 28 4.66 22.18 12.16
N ARG C 1 -19.32 -19.19 -0.95
CA ARG C 1 -18.63 -18.54 -2.10
C ARG C 1 -17.13 -18.47 -1.82
N SER C 2 -16.33 -18.44 -2.88
CA SER C 2 -14.85 -18.37 -2.74
C SER C 2 -14.44 -17.04 -2.13
N ASN C 3 -13.36 -17.06 -1.34
CA ASN C 3 -12.84 -15.83 -0.67
C ASN C 3 -11.47 -15.46 -1.23
N LEU C 4 -10.93 -16.33 -2.08
CA LEU C 4 -9.59 -16.09 -2.68
C LEU C 4 -9.59 -14.79 -3.49
N GLY C 5 -10.67 -14.55 -4.21
CA GLY C 5 -10.77 -13.32 -5.03
C GLY C 5 -10.64 -12.04 -4.20
N TRP C 6 -11.26 -12.02 -3.00
CA TRP C 6 -11.24 -10.79 -2.15
C TRP C 6 -9.83 -10.35 -1.76
N LEU C 7 -8.93 -11.27 -1.42
CA LEU C 7 -7.54 -10.85 -1.03
C LEU C 7 -6.87 -10.10 -2.17
N SER C 8 -7.08 -10.59 -3.38
CA SER C 8 -6.47 -9.94 -4.59
C SER C 8 -6.95 -8.50 -4.72
N LEU C 9 -8.21 -8.26 -4.42
CA LEU C 9 -8.81 -6.89 -4.52
C LEU C 9 -8.09 -5.87 -3.59
N LEU C 10 -7.71 -6.31 -2.40
CA LEU C 10 -7.10 -5.41 -1.37
C LEU C 10 -5.79 -4.71 -1.82
N LEU C 11 -4.91 -5.39 -2.55
CA LEU C 11 -3.63 -4.75 -2.99
C LEU C 11 -3.81 -3.50 -3.88
N LEU C 12 -4.78 -3.53 -4.81
CA LEU C 12 -4.98 -2.39 -5.81
C LEU C 12 -5.26 -1.00 -5.18
N PRO C 13 -6.05 -0.87 -4.15
CA PRO C 13 -6.30 0.47 -3.50
C PRO C 13 -5.08 1.16 -2.84
N ILE C 14 -4.08 0.45 -2.28
CA ILE C 14 -2.95 1.20 -1.66
C ILE C 14 -2.09 1.91 -2.72
N PRO C 15 -1.74 1.28 -3.82
CA PRO C 15 -0.93 1.94 -4.89
C PRO C 15 -1.35 3.39 -5.15
N LEU C 16 -2.58 3.74 -4.80
CA LEU C 16 -3.07 5.14 -5.03
C LEU C 16 -2.20 6.14 -4.27
N ILE C 17 -1.81 5.78 -3.06
CA ILE C 17 -1.00 6.69 -2.19
C ILE C 17 0.35 7.08 -2.82
N VAL C 18 1.02 6.14 -3.48
CA VAL C 18 2.33 6.45 -4.13
C VAL C 18 2.14 7.55 -5.18
N TRP C 19 1.04 7.47 -5.91
CA TRP C 19 0.71 8.45 -6.99
C TRP C 19 0.61 9.87 -6.44
N VAL C 20 0.01 10.01 -5.26
CA VAL C 20 -0.15 11.36 -4.65
C VAL C 20 1.22 12.02 -4.44
N LYS C 21 2.20 11.23 -4.02
CA LYS C 21 3.56 11.78 -3.79
C LYS C 21 4.13 12.38 -5.08
N ARG C 22 3.88 11.70 -6.20
CA ARG C 22 4.37 12.18 -7.52
C ARG C 22 3.79 13.56 -7.82
N LYS C 23 2.51 13.74 -7.49
CA LYS C 23 1.83 15.05 -7.73
C LYS C 23 2.53 16.19 -7.00
N GLU C 24 2.97 15.92 -5.77
CA GLU C 24 3.66 16.94 -4.93
C GLU C 24 2.65 17.89 -4.30
N VAL C 25 2.07 17.48 -3.17
CA VAL C 25 1.08 18.32 -2.47
C VAL C 25 1.69 19.66 -2.08
N GLN C 26 0.89 20.72 -2.14
CA GLN C 26 1.37 22.10 -1.80
C GLN C 26 0.78 22.56 -0.47
N LYS C 27 -0.17 23.49 -0.54
CA LYS C 27 -0.83 24.03 0.69
C LYS C 27 -2.34 24.13 0.49
N THR C 28 -2.75 24.26 -0.76
CA THR C 28 -4.21 24.37 -1.09
C THR C 28 -4.87 23.01 -1.02
N ARG A 1 -5.38 -17.13 -17.30
CA ARG A 1 -6.53 -16.20 -17.15
C ARG A 1 -6.04 -14.88 -16.56
N SER A 2 -6.23 -14.70 -15.26
CA SER A 2 -5.79 -13.45 -14.57
C SER A 2 -4.39 -13.61 -13.99
N ASN A 3 -3.98 -14.87 -13.80
CA ASN A 3 -2.63 -15.17 -13.24
C ASN A 3 -2.61 -14.92 -11.73
N LEU A 4 -2.76 -16.00 -10.97
CA LEU A 4 -2.78 -15.90 -9.48
C LEU A 4 -1.47 -15.33 -8.96
N GLY A 5 -0.37 -15.73 -9.55
CA GLY A 5 0.97 -15.24 -9.10
C GLY A 5 1.09 -13.72 -9.21
N TRP A 6 0.55 -13.12 -10.29
CA TRP A 6 0.67 -11.65 -10.49
C TRP A 6 0.05 -10.80 -9.38
N LEU A 7 -1.11 -11.19 -8.86
CA LEU A 7 -1.73 -10.37 -7.76
C LEU A 7 -0.80 -10.30 -6.57
N SER A 8 -0.16 -11.42 -6.27
CA SER A 8 0.80 -11.50 -5.13
C SER A 8 1.95 -10.52 -5.35
N LEU A 9 2.40 -10.39 -6.59
CA LEU A 9 3.52 -9.46 -6.90
C LEU A 9 3.16 -8.01 -6.53
N LEU A 10 1.91 -7.61 -6.78
CA LEU A 10 1.45 -6.21 -6.50
C LEU A 10 1.58 -5.78 -5.03
N LEU A 11 1.28 -6.64 -4.07
CA LEU A 11 1.37 -6.24 -2.61
C LEU A 11 2.79 -5.81 -2.16
N LEU A 12 3.83 -6.49 -2.63
CA LEU A 12 5.27 -6.18 -2.20
C LEU A 12 5.76 -4.74 -2.49
N PRO A 13 5.46 -4.14 -3.63
CA PRO A 13 5.89 -2.72 -3.95
C PRO A 13 5.27 -1.53 -3.13
N ILE A 14 3.98 -1.52 -2.69
CA ILE A 14 3.51 -0.29 -1.96
C ILE A 14 4.16 -0.16 -0.57
N PRO A 15 4.39 -1.25 0.14
CA PRO A 15 5.01 -1.19 1.49
C PRO A 15 6.31 -0.40 1.51
N LEU A 16 6.92 -0.22 0.35
CA LEU A 16 8.23 0.53 0.27
C LEU A 16 8.09 1.97 0.77
N ILE A 17 6.99 2.65 0.45
CA ILE A 17 6.83 4.06 0.87
C ILE A 17 6.88 4.26 2.39
N VAL A 18 6.27 3.35 3.15
CA VAL A 18 6.29 3.51 4.64
C VAL A 18 7.73 3.51 5.14
N TRP A 19 8.54 2.63 4.56
CA TRP A 19 9.97 2.51 4.95
C TRP A 19 10.72 3.83 4.72
N VAL A 20 10.41 4.48 3.60
CA VAL A 20 11.09 5.75 3.24
C VAL A 20 10.90 6.83 4.30
N LYS A 21 9.70 6.92 4.86
CA LYS A 21 9.43 7.96 5.90
C LYS A 21 10.36 7.77 7.09
N ARG A 22 10.58 6.51 7.47
CA ARG A 22 11.48 6.19 8.61
C ARG A 22 12.90 6.70 8.33
N LYS A 23 13.33 6.53 7.09
CA LYS A 23 14.70 6.96 6.67
C LYS A 23 14.89 8.45 6.88
N GLU A 24 13.86 9.24 6.58
CA GLU A 24 13.96 10.71 6.75
C GLU A 24 14.00 11.08 8.22
N VAL A 25 13.59 10.14 9.08
CA VAL A 25 13.57 10.35 10.56
C VAL A 25 13.34 11.83 10.91
N GLN A 26 13.87 12.28 12.04
CA GLN A 26 13.69 13.70 12.45
C GLN A 26 13.89 14.65 11.27
N LYS A 27 15.10 15.20 11.16
CA LYS A 27 15.42 16.13 10.04
C LYS A 27 14.35 17.22 9.92
N THR A 28 14.69 18.43 10.34
CA THR A 28 13.73 19.57 10.26
C THR A 28 13.26 19.78 8.83
N ARG B 1 7.83 -20.49 0.27
CA ARG B 1 7.19 -21.52 -0.58
C ARG B 1 6.08 -22.20 0.22
N SER B 2 5.05 -22.66 -0.48
CA SER B 2 3.91 -23.35 0.19
C SER B 2 3.30 -22.45 1.27
N ASN B 3 3.01 -21.21 0.90
CA ASN B 3 2.42 -20.23 1.86
C ASN B 3 1.52 -19.24 1.14
N LEU B 4 0.44 -19.74 0.55
CA LEU B 4 -0.52 -18.88 -0.18
C LEU B 4 -1.10 -17.83 0.76
N GLY B 5 -1.39 -18.25 1.99
CA GLY B 5 -1.97 -17.32 2.99
C GLY B 5 -1.05 -16.13 3.28
N TRP B 6 0.27 -16.37 3.35
CA TRP B 6 1.23 -15.28 3.69
C TRP B 6 1.21 -14.11 2.71
N LEU B 7 1.09 -14.36 1.40
CA LEU B 7 1.06 -13.22 0.44
C LEU B 7 -0.13 -12.33 0.76
N SER B 8 -1.25 -12.96 1.08
CA SER B 8 -2.50 -12.25 1.45
C SER B 8 -2.27 -11.35 2.67
N LEU B 9 -1.50 -11.83 3.62
CA LEU B 9 -1.22 -11.03 4.86
C LEU B 9 -0.55 -9.70 4.50
N LEU B 10 0.37 -9.73 3.52
CA LEU B 10 1.13 -8.50 3.13
C LEU B 10 0.23 -7.34 2.65
N LEU B 11 -0.82 -7.60 1.89
CA LEU B 11 -1.68 -6.47 1.38
C LEU B 11 -2.36 -5.60 2.47
N LEU B 12 -2.88 -6.20 3.57
CA LEU B 12 -3.59 -5.39 4.66
C LEU B 12 -2.72 -4.31 5.32
N PRO B 13 -1.49 -4.60 5.62
CA PRO B 13 -0.54 -3.61 6.21
C PRO B 13 -0.41 -2.24 5.50
N ILE B 14 -0.41 -2.15 4.16
CA ILE B 14 -0.24 -0.83 3.51
C ILE B 14 -1.46 0.09 3.71
N PRO B 15 -2.68 -0.34 3.46
CA PRO B 15 -3.85 0.54 3.66
C PRO B 15 -3.90 1.10 5.09
N LEU B 16 -3.20 0.45 5.99
CA LEU B 16 -3.21 0.91 7.44
C LEU B 16 -2.67 2.34 7.56
N ILE B 17 -1.63 2.69 6.80
CA ILE B 17 -1.04 4.06 6.89
C ILE B 17 -2.07 5.15 6.54
N VAL B 18 -2.90 4.92 5.52
CA VAL B 18 -3.92 5.95 5.13
C VAL B 18 -4.87 6.25 6.29
N TRP B 19 -5.25 5.22 7.02
CA TRP B 19 -6.20 5.39 8.17
C TRP B 19 -5.63 6.33 9.21
N VAL B 20 -4.34 6.21 9.49
CA VAL B 20 -3.70 7.10 10.50
C VAL B 20 -3.83 8.56 10.10
N LYS B 21 -3.68 8.83 8.80
CA LYS B 21 -3.80 10.22 8.28
C LYS B 21 -5.19 10.78 8.57
N ARG B 22 -6.20 9.93 8.41
CA ARG B 22 -7.61 10.35 8.65
C ARG B 22 -7.81 10.82 10.08
N LYS B 23 -7.19 10.13 11.02
CA LYS B 23 -7.31 10.49 12.47
C LYS B 23 -6.81 11.91 12.71
N GLU B 24 -5.71 12.27 12.04
CA GLU B 24 -5.08 13.63 12.20
C GLU B 24 -6.05 14.67 12.77
N VAL B 25 -5.53 15.49 13.70
CA VAL B 25 -6.36 16.55 14.34
C VAL B 25 -5.56 17.85 14.43
N GLN B 26 -5.11 18.20 15.64
CA GLN B 26 -4.32 19.44 15.84
C GLN B 26 -3.01 19.36 15.07
N LYS B 27 -2.62 18.13 14.70
CA LYS B 27 -1.35 17.92 13.95
C LYS B 27 -1.22 18.94 12.83
N THR B 28 -2.12 18.86 11.85
CA THR B 28 -2.09 19.81 10.69
C THR B 28 -0.72 19.78 10.01
N ARG C 1 -15.24 -16.13 4.05
CA ARG C 1 -16.37 -16.78 3.34
C ARG C 1 -15.90 -17.30 1.99
N SER C 2 -14.78 -18.01 2.01
CA SER C 2 -14.21 -18.57 0.75
C SER C 2 -14.26 -17.54 -0.37
N ASN C 3 -13.15 -16.82 -0.53
CA ASN C 3 -13.07 -15.77 -1.59
C ASN C 3 -11.61 -15.39 -1.86
N LEU C 4 -10.94 -16.21 -2.67
CA LEU C 4 -9.52 -15.95 -3.03
C LEU C 4 -9.38 -14.60 -3.72
N GLY C 5 -10.33 -14.30 -4.58
CA GLY C 5 -10.31 -13.03 -5.35
C GLY C 5 -10.32 -11.78 -4.43
N TRP C 6 -11.09 -11.81 -3.34
CA TRP C 6 -11.19 -10.62 -2.46
C TRP C 6 -9.83 -10.20 -1.87
N LEU C 7 -8.98 -11.14 -1.45
CA LEU C 7 -7.65 -10.71 -0.90
C LEU C 7 -6.88 -9.95 -1.97
N SER C 8 -6.99 -10.46 -3.18
CA SER C 8 -6.34 -9.86 -4.39
C SER C 8 -6.82 -8.43 -4.61
N LEU C 9 -8.10 -8.19 -4.39
CA LEU C 9 -8.70 -6.85 -4.60
C LEU C 9 -8.02 -5.78 -3.72
N LEU C 10 -7.69 -6.13 -2.48
CA LEU C 10 -7.10 -5.15 -1.51
C LEU C 10 -5.78 -4.52 -1.98
N LEU C 11 -4.89 -5.28 -2.61
CA LEU C 11 -3.57 -4.72 -3.09
C LEU C 11 -3.68 -3.57 -4.14
N LEU C 12 -4.60 -3.69 -5.09
CA LEU C 12 -4.72 -2.70 -6.23
C LEU C 12 -4.99 -1.23 -5.82
N PRO C 13 -5.83 -0.96 -4.84
CA PRO C 13 -6.09 0.45 -4.40
C PRO C 13 -5.02 1.12 -3.50
N ILE C 14 -4.05 0.42 -2.84
CA ILE C 14 -3.09 1.19 -1.98
C ILE C 14 -2.13 2.05 -2.82
N PRO C 15 -1.68 1.57 -3.96
CA PRO C 15 -0.76 2.37 -4.82
C PRO C 15 -1.27 3.79 -5.05
N LEU C 16 -2.57 3.99 -4.83
CA LEU C 16 -3.22 5.34 -5.07
C LEU C 16 -2.59 6.44 -4.21
N ILE C 17 -2.28 6.17 -2.93
CA ILE C 17 -1.72 7.23 -2.05
C ILE C 17 -0.40 7.80 -2.60
N VAL C 18 0.47 6.97 -3.13
CA VAL C 18 1.77 7.48 -3.67
C VAL C 18 1.55 8.51 -4.79
N TRP C 19 0.57 8.24 -5.64
CA TRP C 19 0.25 9.14 -6.79
C TRP C 19 -0.12 10.57 -6.33
N VAL C 20 -0.88 10.68 -5.25
CA VAL C 20 -1.29 12.05 -4.77
C VAL C 20 -0.06 12.91 -4.44
N LYS C 21 0.94 12.30 -3.84
CA LYS C 21 2.18 13.06 -3.48
C LYS C 21 2.82 13.63 -4.74
N ARG C 22 2.81 12.85 -5.81
CA ARG C 22 3.39 13.29 -7.11
C ARG C 22 2.68 14.54 -7.60
N LYS C 23 1.36 14.55 -7.43
CA LYS C 23 0.52 15.70 -7.87
C LYS C 23 0.93 17.01 -7.18
N GLU C 24 1.24 16.92 -5.87
CA GLU C 24 1.63 18.11 -5.04
C GLU C 24 1.19 19.44 -5.68
N VAL C 25 2.17 20.27 -6.05
CA VAL C 25 1.86 21.59 -6.66
C VAL C 25 1.03 22.45 -5.70
N GLN C 26 1.23 22.22 -4.41
CA GLN C 26 0.48 22.99 -3.36
C GLN C 26 1.37 24.09 -2.78
N LYS C 27 0.76 25.23 -2.46
CA LYS C 27 1.51 26.39 -1.89
C LYS C 27 0.73 26.99 -0.72
N THR C 28 1.44 27.75 0.12
CA THR C 28 0.80 28.41 1.29
C THR C 28 -0.28 29.39 0.84
N ARG A 1 1.86 -21.10 -13.87
CA ARG A 1 2.60 -20.22 -12.91
C ARG A 1 2.42 -18.76 -13.33
N SER A 2 1.19 -18.40 -13.68
CA SER A 2 0.89 -17.00 -14.10
C SER A 2 -0.53 -16.60 -13.71
N ASN A 3 -0.88 -15.35 -13.97
CA ASN A 3 -2.24 -14.84 -13.63
C ASN A 3 -2.40 -14.71 -12.11
N LEU A 4 -2.63 -15.81 -11.43
CA LEU A 4 -2.79 -15.79 -9.95
C LEU A 4 -1.53 -15.26 -9.30
N GLY A 5 -0.38 -15.66 -9.83
CA GLY A 5 0.92 -15.20 -9.29
C GLY A 5 1.05 -13.67 -9.37
N TRP A 6 0.59 -13.08 -10.48
CA TRP A 6 0.70 -11.61 -10.69
C TRP A 6 0.01 -10.79 -9.60
N LEU A 7 -1.17 -11.21 -9.15
CA LEU A 7 -1.87 -10.42 -8.09
C LEU A 7 -1.00 -10.34 -6.84
N SER A 8 -0.35 -11.46 -6.52
CA SER A 8 0.56 -11.58 -5.32
C SER A 8 1.75 -10.60 -5.39
N LEU A 9 2.30 -10.41 -6.57
CA LEU A 9 3.49 -9.51 -6.76
C LEU A 9 3.23 -8.04 -6.33
N LEU A 10 2.04 -7.53 -6.61
CA LEU A 10 1.73 -6.07 -6.35
C LEU A 10 1.87 -5.64 -4.88
N LEU A 11 1.46 -6.46 -3.93
CA LEU A 11 1.51 -6.08 -2.46
C LEU A 11 2.93 -5.76 -1.90
N LEU A 12 3.95 -6.53 -2.31
CA LEU A 12 5.32 -6.39 -1.71
C LEU A 12 5.94 -4.98 -1.87
N PRO A 13 5.82 -4.31 -2.99
CA PRO A 13 6.40 -2.94 -3.15
C PRO A 13 5.57 -1.74 -2.59
N ILE A 14 4.28 -1.86 -2.17
CA ILE A 14 3.58 -0.64 -1.66
C ILE A 14 4.14 -0.16 -0.30
N PRO A 15 4.59 -1.05 0.55
CA PRO A 15 5.16 -0.66 1.88
C PRO A 15 6.41 0.23 1.75
N LEU A 16 7.06 0.19 0.58
CA LEU A 16 8.32 0.99 0.37
C LEU A 16 8.11 2.50 0.56
N ILE A 17 7.00 3.04 0.09
CA ILE A 17 6.77 4.51 0.23
C ILE A 17 6.76 4.89 1.71
N VAL A 18 6.15 4.06 2.53
CA VAL A 18 6.08 4.33 4.00
C VAL A 18 7.49 4.42 4.58
N TRP A 19 8.36 3.52 4.11
CA TRP A 19 9.78 3.46 4.57
C TRP A 19 10.52 4.78 4.30
N VAL A 20 10.27 5.37 3.13
CA VAL A 20 10.98 6.63 2.74
C VAL A 20 10.70 7.75 3.74
N LYS A 21 9.47 7.85 4.23
CA LYS A 21 9.11 8.92 5.19
C LYS A 21 9.96 8.81 6.45
N ARG A 22 10.18 7.59 6.91
CA ARG A 22 11.01 7.36 8.13
C ARG A 22 12.41 7.92 7.93
N LYS A 23 12.94 7.72 6.72
CA LYS A 23 14.31 8.21 6.38
C LYS A 23 14.39 9.74 6.52
N GLU A 24 13.33 10.42 6.10
CA GLU A 24 13.30 11.91 6.18
C GLU A 24 13.93 12.40 7.48
N VAL A 25 15.10 13.03 7.36
CA VAL A 25 15.84 13.55 8.56
C VAL A 25 16.17 15.03 8.39
N GLN A 26 16.30 15.46 7.14
CA GLN A 26 16.60 16.90 6.84
C GLN A 26 16.32 17.23 5.38
N LYS A 27 15.62 16.32 4.70
CA LYS A 27 15.29 16.52 3.26
C LYS A 27 14.67 17.89 3.05
N THR A 28 13.88 18.34 4.01
CA THR A 28 13.21 19.67 3.91
C THR A 28 14.18 20.79 4.27
N ARG B 1 6.80 -22.17 -3.91
CA ARG B 1 6.01 -22.08 -2.64
C ARG B 1 4.52 -22.15 -2.96
N SER B 2 3.76 -22.82 -2.10
CA SER B 2 2.29 -22.96 -2.31
C SER B 2 1.53 -22.22 -1.21
N ASN B 3 2.25 -21.43 -0.43
CA ASN B 3 1.64 -20.65 0.68
C ASN B 3 0.71 -19.57 0.13
N LEU B 4 -0.43 -19.98 -0.41
CA LEU B 4 -1.41 -19.02 -0.98
C LEU B 4 -1.88 -18.06 0.11
N GLY B 5 -2.09 -18.58 1.30
CA GLY B 5 -2.54 -17.73 2.44
C GLY B 5 -1.53 -16.61 2.74
N TRP B 6 -0.23 -16.93 2.69
CA TRP B 6 0.82 -15.92 3.03
C TRP B 6 0.81 -14.67 2.14
N LEU B 7 0.59 -14.82 0.83
CA LEU B 7 0.57 -13.60 -0.05
C LEU B 7 -0.52 -12.64 0.39
N SER B 8 -1.67 -13.20 0.75
CA SER B 8 -2.84 -12.40 1.21
C SER B 8 -2.54 -11.57 2.46
N LEU B 9 -1.78 -12.12 3.39
CA LEU B 9 -1.49 -11.38 4.65
C LEU B 9 -0.75 -10.05 4.37
N LEU B 10 0.17 -10.08 3.42
CA LEU B 10 0.98 -8.87 3.08
C LEU B 10 0.15 -7.66 2.62
N LEU B 11 -0.90 -7.85 1.83
CA LEU B 11 -1.73 -6.67 1.35
C LEU B 11 -2.39 -5.86 2.50
N LEU B 12 -2.91 -6.55 3.52
CA LEU B 12 -3.63 -5.87 4.66
C LEU B 12 -2.82 -4.82 5.46
N PRO B 13 -1.56 -5.04 5.78
CA PRO B 13 -0.73 -4.03 6.52
C PRO B 13 -0.46 -2.67 5.81
N ILE B 14 -0.42 -2.57 4.45
CA ILE B 14 -0.16 -1.22 3.87
C ILE B 14 -1.37 -0.29 4.10
N PRO B 15 -2.59 -0.72 3.86
CA PRO B 15 -3.80 0.12 4.13
C PRO B 15 -3.70 0.90 5.44
N LEU B 16 -2.83 0.47 6.33
CA LEU B 16 -2.70 1.15 7.68
C LEU B 16 -2.32 2.63 7.53
N ILE B 17 -1.42 2.93 6.60
CA ILE B 17 -0.96 4.33 6.39
C ILE B 17 -2.11 5.29 6.02
N VAL B 18 -3.03 4.83 5.19
CA VAL B 18 -4.17 5.72 4.76
C VAL B 18 -4.99 6.17 5.96
N TRP B 19 -5.21 5.27 6.91
CA TRP B 19 -6.00 5.63 8.12
C TRP B 19 -5.34 6.78 8.88
N VAL B 20 -4.01 6.74 8.96
CA VAL B 20 -3.24 7.81 9.67
C VAL B 20 -3.51 9.16 9.01
N LYS B 21 -3.56 9.16 7.69
CA LYS B 21 -3.82 10.41 6.92
C LYS B 21 -5.17 11.01 7.31
N ARG B 22 -6.16 10.15 7.50
CA ARG B 22 -7.52 10.62 7.88
C ARG B 22 -7.47 11.37 9.21
N LYS B 23 -6.67 10.87 10.14
CA LYS B 23 -6.53 11.54 11.47
C LYS B 23 -6.01 12.96 11.29
N GLU B 24 -5.07 13.13 10.36
CA GLU B 24 -4.48 14.46 10.06
C GLU B 24 -3.86 15.07 11.32
N VAL B 25 -2.61 15.53 11.17
CA VAL B 25 -1.88 16.15 12.31
C VAL B 25 -0.93 17.23 11.77
N GLN B 26 -1.00 18.43 12.37
CA GLN B 26 -0.13 19.55 11.92
C GLN B 26 -0.04 19.58 10.40
N LYS B 27 0.97 20.27 9.87
CA LYS B 27 1.16 20.38 8.40
C LYS B 27 0.06 21.26 7.79
N THR B 28 0.06 22.53 8.16
CA THR B 28 -0.97 23.47 7.64
C THR B 28 -2.37 22.89 7.76
N ARG C 1 -15.98 -20.49 -0.65
CA ARG C 1 -16.42 -20.64 -2.07
C ARG C 1 -15.42 -19.92 -2.98
N SER C 2 -15.73 -18.68 -3.36
CA SER C 2 -14.84 -17.89 -4.26
C SER C 2 -14.32 -16.65 -3.53
N ASN C 3 -14.00 -16.81 -2.26
CA ASN C 3 -13.49 -15.66 -1.45
C ASN C 3 -12.04 -15.34 -1.82
N LEU C 4 -11.46 -16.21 -2.65
CA LEU C 4 -10.05 -16.03 -3.10
C LEU C 4 -9.88 -14.71 -3.84
N GLY C 5 -10.88 -14.37 -4.65
CA GLY C 5 -10.84 -13.11 -5.44
C GLY C 5 -10.75 -11.87 -4.53
N TRP C 6 -11.46 -11.87 -3.40
CA TRP C 6 -11.47 -10.68 -2.50
C TRP C 6 -10.08 -10.32 -1.97
N LEU C 7 -9.25 -11.31 -1.61
CA LEU C 7 -7.89 -10.97 -1.10
C LEU C 7 -7.11 -10.21 -2.17
N SER C 8 -7.27 -10.65 -3.40
CA SER C 8 -6.59 -10.04 -4.57
C SER C 8 -6.98 -8.57 -4.75
N LEU C 9 -8.24 -8.25 -4.51
CA LEU C 9 -8.77 -6.85 -4.68
C LEU C 9 -8.05 -5.82 -3.77
N LEU C 10 -7.73 -6.20 -2.54
CA LEU C 10 -7.12 -5.26 -1.54
C LEU C 10 -5.78 -4.63 -1.98
N LEU C 11 -4.91 -5.38 -2.62
CA LEU C 11 -3.56 -4.86 -3.05
C LEU C 11 -3.60 -3.65 -4.02
N LEU C 12 -4.53 -3.69 -4.97
CA LEU C 12 -4.59 -2.65 -6.08
C LEU C 12 -4.77 -1.19 -5.60
N PRO C 13 -5.59 -0.93 -4.63
CA PRO C 13 -5.84 0.45 -4.11
C PRO C 13 -4.79 1.09 -3.16
N ILE C 14 -3.84 0.36 -2.51
CA ILE C 14 -2.93 1.09 -1.57
C ILE C 14 -1.92 2.00 -2.30
N PRO C 15 -1.45 1.63 -3.47
CA PRO C 15 -0.47 2.43 -4.25
C PRO C 15 -1.01 3.81 -4.66
N LEU C 16 -2.33 3.95 -4.66
CA LEU C 16 -2.97 5.26 -5.08
C LEU C 16 -2.52 6.43 -4.19
N ILE C 17 -2.40 6.20 -2.89
CA ILE C 17 -2.00 7.29 -1.95
C ILE C 17 -0.62 7.86 -2.29
N VAL C 18 0.31 7.01 -2.67
CA VAL C 18 1.69 7.47 -3.02
C VAL C 18 1.65 8.48 -4.18
N TRP C 19 0.80 8.21 -5.16
CA TRP C 19 0.68 9.11 -6.35
C TRP C 19 0.27 10.52 -5.92
N VAL C 20 -0.64 10.60 -4.97
CA VAL C 20 -1.11 11.94 -4.48
C VAL C 20 0.06 12.73 -3.92
N LYS C 21 0.94 12.04 -3.20
CA LYS C 21 2.14 12.69 -2.60
C LYS C 21 3.01 13.30 -3.70
N ARG C 22 3.14 12.57 -4.81
CA ARG C 22 3.96 13.05 -5.96
C ARG C 22 3.43 14.37 -6.50
N LYS C 23 2.12 14.51 -6.56
CA LYS C 23 1.49 15.77 -7.07
C LYS C 23 1.90 16.98 -6.22
N GLU C 24 1.96 16.79 -4.91
CA GLU C 24 2.34 17.90 -3.95
C GLU C 24 2.01 19.27 -4.52
N VAL C 25 2.94 19.83 -5.29
CA VAL C 25 2.72 21.17 -5.90
C VAL C 25 1.37 21.23 -6.61
N GLN C 26 0.52 22.17 -6.19
CA GLN C 26 -0.83 22.32 -6.80
C GLN C 26 -0.72 22.72 -8.27
N LYS C 27 -1.87 22.99 -8.89
CA LYS C 27 -1.91 23.41 -10.32
C LYS C 27 -2.77 24.65 -10.49
N THR C 28 -3.15 25.26 -9.38
CA THR C 28 -3.99 26.49 -9.42
C THR C 28 -3.13 27.74 -9.52
N ARG A 1 -7.62 -13.85 -17.89
CA ARG A 1 -7.44 -12.85 -16.81
C ARG A 1 -6.83 -13.53 -15.59
N SER A 2 -6.43 -14.79 -15.75
CA SER A 2 -5.82 -15.56 -14.64
C SER A 2 -4.67 -14.77 -14.01
N ASN A 3 -3.46 -15.01 -14.49
CA ASN A 3 -2.26 -14.30 -13.97
C ASN A 3 -2.33 -14.17 -12.44
N LEU A 4 -2.45 -15.31 -11.76
CA LEU A 4 -2.54 -15.31 -10.28
C LEU A 4 -1.29 -14.68 -9.66
N GLY A 5 -0.14 -14.99 -10.24
CA GLY A 5 1.14 -14.44 -9.72
C GLY A 5 1.17 -12.90 -9.74
N TRP A 6 0.64 -12.28 -10.80
CA TRP A 6 0.69 -10.79 -10.93
C TRP A 6 -0.02 -10.04 -9.79
N LEU A 7 -1.18 -10.52 -9.32
CA LEU A 7 -1.89 -9.80 -8.22
C LEU A 7 -0.99 -9.76 -6.98
N SER A 8 -0.31 -10.87 -6.75
CA SER A 8 0.63 -11.02 -5.59
C SER A 8 1.76 -9.99 -5.68
N LEU A 9 2.23 -9.74 -6.88
CA LEU A 9 3.33 -8.77 -7.11
C LEU A 9 2.93 -7.37 -6.60
N LEU A 10 1.67 -6.99 -6.82
CA LEU A 10 1.18 -5.63 -6.43
C LEU A 10 1.32 -5.32 -4.92
N LEU A 11 1.04 -6.27 -4.03
CA LEU A 11 1.15 -5.99 -2.55
C LEU A 11 2.58 -5.57 -2.09
N LEU A 12 3.61 -6.23 -2.63
CA LEU A 12 5.05 -5.96 -2.20
C LEU A 12 5.56 -4.50 -2.39
N PRO A 13 5.25 -3.83 -3.47
CA PRO A 13 5.70 -2.41 -3.68
C PRO A 13 5.07 -1.32 -2.78
N ILE A 14 3.86 -1.48 -2.19
CA ILE A 14 3.34 -0.34 -1.36
C ILE A 14 4.14 -0.18 -0.05
N PRO A 15 4.45 -1.24 0.65
CA PRO A 15 5.24 -1.14 1.92
C PRO A 15 6.43 -0.18 1.82
N LEU A 16 7.05 -0.08 0.66
CA LEU A 16 8.26 0.80 0.52
C LEU A 16 7.98 2.27 0.84
N ILE A 17 6.84 2.80 0.43
CA ILE A 17 6.51 4.23 0.70
C ILE A 17 6.45 4.54 2.20
N VAL A 18 5.89 3.63 2.99
CA VAL A 18 5.76 3.88 4.46
C VAL A 18 7.14 4.09 5.08
N TRP A 19 8.11 3.30 4.64
CA TRP A 19 9.50 3.40 5.17
C TRP A 19 10.05 4.81 4.91
N VAL A 20 9.75 5.34 3.73
CA VAL A 20 10.23 6.70 3.36
C VAL A 20 9.70 7.75 4.34
N LYS A 21 8.45 7.60 4.75
CA LYS A 21 7.83 8.55 5.70
C LYS A 21 8.61 8.56 7.02
N ARG A 22 9.04 7.39 7.45
CA ARG A 22 9.82 7.27 8.72
C ARG A 22 11.12 8.10 8.64
N LYS A 23 11.75 8.06 7.47
CA LYS A 23 13.02 8.82 7.27
C LYS A 23 12.79 10.31 7.49
N GLU A 24 11.65 10.80 7.00
CA GLU A 24 11.31 12.25 7.15
C GLU A 24 12.40 13.11 6.49
N VAL A 25 12.27 13.32 5.19
CA VAL A 25 13.25 14.14 4.42
C VAL A 25 14.67 13.89 4.94
N GLN A 26 15.38 12.97 4.29
CA GLN A 26 16.78 12.66 4.70
C GLN A 26 17.77 13.55 3.97
N LYS A 27 18.08 13.20 2.72
CA LYS A 27 19.04 14.00 1.91
C LYS A 27 18.34 15.20 1.29
N THR A 28 19.10 16.27 1.05
CA THR A 28 18.53 17.52 0.44
C THR A 28 18.89 17.59 -1.04
N ARG B 1 0.22 -24.91 -2.02
CA ARG B 1 -0.93 -24.75 -1.09
C ARG B 1 -0.43 -24.55 0.33
N SER B 2 0.77 -24.01 0.46
CA SER B 2 1.39 -23.77 1.80
C SER B 2 2.17 -22.45 1.79
N ASN B 3 1.98 -21.66 0.75
CA ASN B 3 2.67 -20.35 0.62
C ASN B 3 1.74 -19.31 0.01
N LEU B 4 0.67 -19.77 -0.61
CA LEU B 4 -0.33 -18.86 -1.24
C LEU B 4 -0.92 -17.93 -0.20
N GLY B 5 -1.18 -18.46 0.98
CA GLY B 5 -1.76 -17.66 2.08
C GLY B 5 -0.86 -16.47 2.48
N TRP B 6 0.46 -16.69 2.50
CA TRP B 6 1.40 -15.61 2.93
C TRP B 6 1.32 -14.35 2.05
N LEU B 7 1.19 -14.50 0.73
CA LEU B 7 1.10 -13.29 -0.14
C LEU B 7 -0.11 -12.46 0.26
N SER B 8 -1.19 -13.15 0.55
CA SER B 8 -2.48 -12.50 0.96
C SER B 8 -2.29 -11.67 2.23
N LEU B 9 -1.51 -12.17 3.16
CA LEU B 9 -1.26 -11.46 4.46
C LEU B 9 -0.64 -10.07 4.24
N LEU B 10 0.27 -9.94 3.28
CA LEU B 10 1.01 -8.65 3.05
C LEU B 10 0.10 -7.45 2.71
N LEU B 11 -0.93 -7.65 1.92
CA LEU B 11 -1.85 -6.51 1.53
C LEU B 11 -2.58 -5.81 2.71
N LEU B 12 -3.03 -6.57 3.70
CA LEU B 12 -3.88 -6.00 4.83
C LEU B 12 -3.20 -4.89 5.67
N PRO B 13 -1.93 -4.99 5.99
CA PRO B 13 -1.20 -3.97 6.80
C PRO B 13 -0.77 -2.64 6.08
N ILE B 14 -0.61 -2.56 4.74
CA ILE B 14 -0.14 -1.26 4.16
C ILE B 14 -1.23 -0.16 4.25
N PRO B 15 -2.49 -0.51 4.13
CA PRO B 15 -3.62 0.47 4.23
C PRO B 15 -3.58 1.30 5.52
N LEU B 16 -2.86 0.79 6.51
CA LEU B 16 -2.79 1.50 7.84
C LEU B 16 -2.20 2.92 7.70
N ILE B 17 -1.18 3.07 6.85
CA ILE B 17 -0.55 4.42 6.67
C ILE B 17 -1.56 5.45 6.17
N VAL B 18 -2.43 5.07 5.25
CA VAL B 18 -3.46 6.03 4.73
C VAL B 18 -4.38 6.53 5.86
N TRP B 19 -4.73 5.62 6.75
CA TRP B 19 -5.65 5.93 7.88
C TRP B 19 -5.14 7.04 8.81
N VAL B 20 -3.85 7.06 9.11
CA VAL B 20 -3.32 8.09 10.05
C VAL B 20 -3.57 9.50 9.51
N LYS B 21 -3.40 9.69 8.20
CA LYS B 21 -3.64 11.03 7.59
C LYS B 21 -5.09 11.44 7.82
N ARG B 22 -5.98 10.46 7.68
CA ARG B 22 -7.45 10.68 7.87
C ARG B 22 -7.77 11.17 9.28
N LYS B 23 -7.08 10.62 10.27
CA LYS B 23 -7.35 10.98 11.70
C LYS B 23 -7.11 12.47 11.96
N GLU B 24 -6.05 13.04 11.37
CA GLU B 24 -5.75 14.49 11.58
C GLU B 24 -4.47 14.90 10.84
N VAL B 25 -3.38 14.18 11.10
CA VAL B 25 -2.06 14.50 10.46
C VAL B 25 -2.25 15.06 9.05
N GLN B 26 -2.24 16.39 8.94
CA GLN B 26 -2.41 17.07 7.63
C GLN B 26 -1.13 16.95 6.81
N LYS B 27 -1.12 17.57 5.64
CA LYS B 27 0.07 17.52 4.74
C LYS B 27 1.34 17.86 5.52
N THR B 28 1.17 18.66 6.58
CA THR B 28 2.33 19.06 7.42
C THR B 28 1.87 19.49 8.81
N ARG C 1 -17.80 -20.30 -1.63
CA ARG C 1 -17.75 -20.11 -3.11
C ARG C 1 -16.94 -18.85 -3.42
N SER C 2 -15.79 -19.04 -4.06
CA SER C 2 -14.92 -17.89 -4.43
C SER C 2 -14.42 -17.16 -3.18
N ASN C 3 -13.10 -17.05 -3.06
CA ASN C 3 -12.48 -16.36 -1.90
C ASN C 3 -11.09 -15.83 -2.27
N LEU C 4 -10.43 -16.54 -3.18
CA LEU C 4 -9.08 -16.13 -3.65
C LEU C 4 -9.13 -14.74 -4.26
N GLY C 5 -10.18 -14.47 -5.01
CA GLY C 5 -10.33 -13.16 -5.70
C GLY C 5 -10.37 -11.99 -4.69
N TRP C 6 -11.04 -12.16 -3.55
CA TRP C 6 -11.16 -11.03 -2.58
C TRP C 6 -9.81 -10.53 -2.05
N LEU C 7 -8.86 -11.42 -1.76
CA LEU C 7 -7.53 -10.94 -1.27
C LEU C 7 -6.89 -10.04 -2.31
N SER C 8 -7.03 -10.43 -3.56
CA SER C 8 -6.48 -9.66 -4.71
C SER C 8 -7.07 -8.25 -4.74
N LEU C 9 -8.35 -8.15 -4.43
CA LEU C 9 -9.01 -6.82 -4.42
C LEU C 9 -8.32 -5.88 -3.41
N LEU C 10 -7.93 -6.42 -2.26
CA LEU C 10 -7.29 -5.60 -1.17
C LEU C 10 -5.99 -4.89 -1.61
N LEU C 11 -5.13 -5.56 -2.39
CA LEU C 11 -3.82 -4.94 -2.86
C LEU C 11 -3.97 -3.66 -3.72
N LEU C 12 -4.96 -3.63 -4.62
CA LEU C 12 -5.13 -2.47 -5.60
C LEU C 12 -5.33 -1.08 -4.95
N PRO C 13 -6.09 -0.92 -3.90
CA PRO C 13 -6.26 0.42 -3.25
C PRO C 13 -5.01 1.06 -2.60
N ILE C 14 -4.06 0.29 -2.01
CA ILE C 14 -2.89 0.94 -1.36
C ILE C 14 -1.89 1.58 -2.36
N PRO C 15 -1.59 1.01 -3.50
CA PRO C 15 -0.63 1.65 -4.44
C PRO C 15 -1.09 3.05 -4.86
N LEU C 16 -2.37 3.34 -4.70
CA LEU C 16 -2.90 4.70 -5.13
C LEU C 16 -2.20 5.86 -4.39
N ILE C 17 -1.94 5.71 -3.10
CA ILE C 17 -1.29 6.83 -2.34
C ILE C 17 0.09 7.17 -2.92
N VAL C 18 0.85 6.15 -3.31
CA VAL C 18 2.22 6.38 -3.88
C VAL C 18 2.13 7.26 -5.12
N TRP C 19 1.13 7.00 -5.95
CA TRP C 19 0.93 7.78 -7.22
C TRP C 19 0.74 9.27 -6.91
N VAL C 20 -0.01 9.56 -5.86
CA VAL C 20 -0.26 10.98 -5.48
C VAL C 20 1.05 11.70 -5.19
N LYS C 21 1.97 11.00 -4.52
CA LYS C 21 3.29 11.60 -4.19
C LYS C 21 4.02 11.99 -5.46
N ARG C 22 3.92 11.14 -6.48
CA ARG C 22 4.59 11.40 -7.78
C ARG C 22 4.08 12.71 -8.39
N LYS C 23 2.77 12.94 -8.27
CA LYS C 23 2.15 14.17 -8.83
C LYS C 23 2.77 15.41 -8.21
N GLU C 24 3.04 15.35 -6.91
CA GLU C 24 3.65 16.50 -6.17
C GLU C 24 2.64 17.65 -6.06
N VAL C 25 3.07 18.86 -6.46
CA VAL C 25 2.19 20.06 -6.40
C VAL C 25 1.93 20.47 -4.96
N GLN C 26 1.49 19.51 -4.14
CA GLN C 26 1.21 19.80 -2.70
C GLN C 26 0.39 21.08 -2.56
N LYS C 27 -0.92 20.92 -2.36
CA LYS C 27 -1.82 22.09 -2.20
C LYS C 27 -1.80 22.95 -3.45
N THR C 28 -2.98 23.29 -3.96
CA THR C 28 -3.09 24.14 -5.18
C THR C 28 -2.50 25.52 -4.93
N ARG A 1 -6.66 -17.57 -16.64
CA ARG A 1 -5.65 -18.55 -17.14
C ARG A 1 -4.54 -18.69 -16.10
N SER A 2 -3.44 -17.97 -16.31
CA SER A 2 -2.27 -18.02 -15.37
C SER A 2 -1.84 -16.62 -14.98
N ASN A 3 -2.68 -15.92 -14.22
CA ASN A 3 -2.38 -14.53 -13.77
C ASN A 3 -2.47 -14.42 -12.25
N LEU A 4 -2.72 -15.55 -11.60
CA LEU A 4 -2.83 -15.58 -10.12
C LEU A 4 -1.54 -15.09 -9.48
N GLY A 5 -0.42 -15.49 -10.04
CA GLY A 5 0.90 -15.08 -9.51
C GLY A 5 1.07 -13.54 -9.52
N TRP A 6 0.59 -12.89 -10.58
CA TRP A 6 0.75 -11.40 -10.71
C TRP A 6 0.09 -10.61 -9.56
N LEU A 7 -1.10 -11.01 -9.12
CA LEU A 7 -1.75 -10.25 -8.00
C LEU A 7 -0.86 -10.27 -6.76
N SER A 8 -0.26 -11.42 -6.51
CA SER A 8 0.66 -11.60 -5.33
C SER A 8 1.84 -10.64 -5.41
N LEU A 9 2.37 -10.43 -6.59
CA LEU A 9 3.54 -9.53 -6.77
C LEU A 9 3.21 -8.10 -6.31
N LEU A 10 2.01 -7.63 -6.59
CA LEU A 10 1.61 -6.23 -6.25
C LEU A 10 1.70 -5.89 -4.76
N LEU A 11 1.32 -6.79 -3.85
CA LEU A 11 1.36 -6.49 -2.37
C LEU A 11 2.78 -6.18 -1.81
N LEU A 12 3.82 -6.90 -2.27
CA LEU A 12 5.24 -6.72 -1.72
C LEU A 12 5.86 -5.32 -1.86
N PRO A 13 5.69 -4.61 -2.95
CA PRO A 13 6.29 -3.25 -3.14
C PRO A 13 5.55 -2.02 -2.53
N ILE A 14 4.30 -2.10 -2.04
CA ILE A 14 3.70 -0.85 -1.51
C ILE A 14 4.36 -0.40 -0.19
N PRO A 15 4.79 -1.31 0.67
CA PRO A 15 5.46 -0.95 1.96
C PRO A 15 6.54 0.12 1.78
N LEU A 16 7.01 0.27 0.55
CA LEU A 16 8.08 1.27 0.24
C LEU A 16 7.65 2.69 0.59
N ILE A 17 6.38 3.03 0.33
CA ILE A 17 5.90 4.43 0.59
C ILE A 17 6.07 4.83 2.06
N VAL A 18 5.79 3.92 2.99
CA VAL A 18 5.92 4.28 4.43
C VAL A 18 7.36 4.70 4.75
N TRP A 19 8.32 3.98 4.17
CA TRP A 19 9.76 4.30 4.40
C TRP A 19 10.09 5.73 3.94
N VAL A 20 9.51 6.13 2.82
CA VAL A 20 9.75 7.50 2.27
C VAL A 20 9.31 8.57 3.26
N LYS A 21 8.19 8.34 3.93
CA LYS A 21 7.68 9.34 4.91
C LYS A 21 8.68 9.57 6.02
N ARG A 22 9.32 8.50 6.48
CA ARG A 22 10.33 8.61 7.56
C ARG A 22 11.48 9.52 7.13
N LYS A 23 11.88 9.40 5.88
CA LYS A 23 12.98 10.23 5.33
C LYS A 23 12.64 11.71 5.41
N GLU A 24 11.39 12.03 5.13
CA GLU A 24 10.92 13.45 5.15
C GLU A 24 11.74 14.30 4.18
N VAL A 25 11.40 15.58 4.10
CA VAL A 25 12.13 16.51 3.18
C VAL A 25 11.86 17.96 3.56
N GLN A 26 12.84 18.82 3.25
CA GLN A 26 12.70 20.27 3.56
C GLN A 26 11.95 20.99 2.44
N LYS A 27 10.96 21.80 2.81
CA LYS A 27 10.16 22.55 1.79
C LYS A 27 11.00 23.67 1.18
N THR A 28 10.39 24.42 0.27
CA THR A 28 11.10 25.55 -0.40
C THR A 28 11.58 26.57 0.64
N ARG B 1 1.11 -26.49 -4.52
CA ARG B 1 1.65 -26.70 -3.15
C ARG B 1 2.68 -25.62 -2.84
N SER B 2 2.20 -24.48 -2.37
CA SER B 2 3.09 -23.34 -2.02
C SER B 2 2.44 -22.46 -0.95
N ASN B 3 3.22 -21.56 -0.36
CA ASN B 3 2.69 -20.66 0.70
C ASN B 3 1.73 -19.63 0.10
N LEU B 4 0.68 -20.12 -0.56
CA LEU B 4 -0.32 -19.22 -1.18
C LEU B 4 -0.99 -18.34 -0.13
N GLY B 5 -1.28 -18.93 1.02
CA GLY B 5 -1.94 -18.16 2.11
C GLY B 5 -1.10 -16.95 2.56
N TRP B 6 0.22 -17.11 2.64
CA TRP B 6 1.09 -15.99 3.13
C TRP B 6 0.99 -14.72 2.27
N LEU B 7 0.95 -14.84 0.94
CA LEU B 7 0.87 -13.61 0.09
C LEU B 7 -0.38 -12.80 0.40
N SER B 8 -1.49 -13.50 0.62
CA SER B 8 -2.78 -12.82 0.95
C SER B 8 -2.67 -11.99 2.23
N LEU B 9 -1.96 -12.50 3.21
CA LEU B 9 -1.77 -11.80 4.51
C LEU B 9 -1.09 -10.42 4.34
N LEU B 10 -0.10 -10.34 3.44
CA LEU B 10 0.71 -9.09 3.26
C LEU B 10 -0.09 -7.83 2.89
N LEU B 11 -1.09 -7.93 2.03
CA LEU B 11 -1.89 -6.72 1.60
C LEU B 11 -2.60 -5.98 2.76
N LEU B 12 -3.15 -6.71 3.72
CA LEU B 12 -4.00 -6.07 4.82
C LEU B 12 -3.27 -5.01 5.68
N PRO B 13 -2.03 -5.19 6.05
CA PRO B 13 -1.27 -4.19 6.89
C PRO B 13 -0.78 -2.88 6.20
N ILE B 14 -0.54 -2.81 4.86
CA ILE B 14 -0.03 -1.52 4.29
C ILE B 14 -1.09 -0.40 4.27
N PRO B 15 -2.36 -0.71 4.06
CA PRO B 15 -3.44 0.31 4.03
C PRO B 15 -3.53 1.09 5.35
N LEU B 16 -2.98 0.50 6.40
CA LEU B 16 -3.01 1.14 7.76
C LEU B 16 -2.32 2.51 7.73
N ILE B 17 -1.21 2.59 7.03
CA ILE B 17 -0.43 3.87 6.97
C ILE B 17 -1.26 5.03 6.41
N VAL B 18 -2.06 4.80 5.39
CA VAL B 18 -2.88 5.92 4.80
C VAL B 18 -3.82 6.48 5.88
N TRP B 19 -4.38 5.59 6.68
CA TRP B 19 -5.31 6.02 7.79
C TRP B 19 -4.58 6.94 8.77
N VAL B 20 -3.32 6.61 9.05
CA VAL B 20 -2.50 7.41 10.01
C VAL B 20 -2.35 8.85 9.52
N LYS B 21 -2.16 9.02 8.22
CA LYS B 21 -1.98 10.38 7.65
C LYS B 21 -3.22 11.23 7.95
N ARG B 22 -4.39 10.61 7.83
CA ARG B 22 -5.66 11.33 8.12
C ARG B 22 -5.68 11.81 9.57
N LYS B 23 -5.18 10.98 10.47
CA LYS B 23 -5.14 11.34 11.92
C LYS B 23 -4.32 12.60 12.14
N GLU B 24 -3.20 12.71 11.42
CA GLU B 24 -2.30 13.88 11.56
C GLU B 24 -2.75 15.02 10.63
N VAL B 25 -2.99 16.19 11.21
CA VAL B 25 -3.42 17.36 10.40
C VAL B 25 -3.42 18.63 11.26
N GLN B 26 -3.07 19.76 10.64
CA GLN B 26 -3.03 21.05 11.38
C GLN B 26 -3.22 22.23 10.42
N LYS B 27 -2.21 22.49 9.60
CA LYS B 27 -2.27 23.61 8.62
C LYS B 27 -1.81 23.14 7.24
N THR B 28 -0.89 23.88 6.63
CA THR B 28 -0.37 23.50 5.28
C THR B 28 0.96 24.19 5.02
N ARG C 1 -15.50 -18.26 3.05
CA ARG C 1 -14.08 -17.82 3.10
C ARG C 1 -13.31 -18.46 1.94
N SER C 2 -13.76 -18.19 0.71
CA SER C 2 -13.09 -18.76 -0.49
C SER C 2 -12.99 -17.70 -1.60
N ASN C 3 -13.57 -16.54 -1.36
CA ASN C 3 -13.53 -15.44 -2.36
C ASN C 3 -12.09 -15.02 -2.62
N LEU C 4 -11.37 -15.85 -3.40
CA LEU C 4 -9.94 -15.56 -3.72
C LEU C 4 -9.80 -14.23 -4.45
N GLY C 5 -10.73 -13.95 -5.37
CA GLY C 5 -10.69 -12.69 -6.15
C GLY C 5 -10.77 -11.46 -5.24
N TRP C 6 -11.61 -11.52 -4.20
CA TRP C 6 -11.76 -10.36 -3.27
C TRP C 6 -10.42 -10.03 -2.60
N LEU C 7 -9.68 -11.07 -2.23
CA LEU C 7 -8.35 -10.88 -1.56
C LEU C 7 -7.42 -10.11 -2.49
N SER C 8 -7.48 -10.45 -3.75
CA SER C 8 -6.66 -9.78 -4.82
C SER C 8 -6.97 -8.27 -4.91
N LEU C 9 -8.23 -7.91 -4.74
CA LEU C 9 -8.67 -6.48 -4.84
C LEU C 9 -7.95 -5.57 -3.84
N LEU C 10 -7.72 -6.04 -2.62
CA LEU C 10 -7.10 -5.18 -1.54
C LEU C 10 -5.70 -4.62 -1.91
N LEU C 11 -4.84 -5.40 -2.56
CA LEU C 11 -3.45 -4.91 -2.90
C LEU C 11 -3.43 -3.64 -3.80
N LEU C 12 -4.32 -3.57 -4.79
CA LEU C 12 -4.34 -2.45 -5.80
C LEU C 12 -4.52 -1.02 -5.23
N PRO C 13 -5.34 -0.77 -4.25
CA PRO C 13 -5.58 0.61 -3.71
C PRO C 13 -4.50 1.24 -2.79
N ILE C 14 -3.58 0.48 -2.13
CA ILE C 14 -2.59 1.16 -1.22
C ILE C 14 -1.52 2.01 -1.94
N PRO C 15 -1.09 1.63 -3.13
CA PRO C 15 -0.04 2.39 -3.90
C PRO C 15 -0.58 3.69 -4.49
N LEU C 16 -1.89 3.77 -4.62
CA LEU C 16 -2.55 4.98 -5.22
C LEU C 16 -2.25 6.27 -4.45
N ILE C 17 -2.21 6.21 -3.11
CA ILE C 17 -2.02 7.48 -2.34
C ILE C 17 -0.71 8.20 -2.71
N VAL C 18 0.41 7.49 -2.91
CA VAL C 18 1.66 8.21 -3.27
C VAL C 18 1.45 8.98 -4.58
N TRP C 19 0.74 8.36 -5.51
CA TRP C 19 0.46 9.00 -6.83
C TRP C 19 -0.33 10.29 -6.63
N VAL C 20 -1.28 10.27 -5.70
CA VAL C 20 -2.11 11.46 -5.41
C VAL C 20 -1.25 12.64 -4.97
N LYS C 21 -0.24 12.37 -4.15
CA LYS C 21 0.65 13.45 -3.66
C LYS C 21 1.34 14.14 -4.83
N ARG C 22 1.75 13.36 -5.82
CA ARG C 22 2.41 13.92 -7.03
C ARG C 22 1.50 14.90 -7.74
N LYS C 23 0.21 14.55 -7.81
CA LYS C 23 -0.80 15.42 -8.48
C LYS C 23 -0.86 16.79 -7.81
N GLU C 24 -0.78 16.79 -6.48
CA GLU C 24 -0.83 18.06 -5.71
C GLU C 24 -2.06 18.88 -6.09
N VAL C 25 -3.10 18.83 -5.25
CA VAL C 25 -4.36 19.58 -5.51
C VAL C 25 -4.44 20.82 -4.64
N GLN C 26 -4.77 21.95 -5.25
CA GLN C 26 -4.88 23.23 -4.50
C GLN C 26 -5.94 23.13 -3.41
N LYS C 27 -7.10 23.74 -3.67
CA LYS C 27 -8.22 23.71 -2.68
C LYS C 27 -9.49 24.27 -3.29
N THR C 28 -10.57 23.48 -3.24
CA THR C 28 -11.87 23.93 -3.81
C THR C 28 -12.99 23.01 -3.35
N ARG A 1 -5.14 -9.43 -17.33
CA ARG A 1 -5.68 -9.91 -16.03
C ARG A 1 -5.76 -11.44 -16.05
N SER A 2 -6.68 -12.00 -15.27
CA SER A 2 -6.84 -13.48 -15.21
C SER A 2 -5.53 -14.14 -14.80
N ASN A 3 -4.53 -13.32 -14.49
CA ASN A 3 -3.20 -13.83 -14.06
C ASN A 3 -3.08 -13.78 -12.55
N LEU A 4 -3.21 -14.94 -11.91
CA LEU A 4 -3.14 -15.03 -10.42
C LEU A 4 -1.80 -14.54 -9.88
N GLY A 5 -0.71 -14.87 -10.55
CA GLY A 5 0.64 -14.45 -10.07
C GLY A 5 0.78 -12.92 -9.98
N TRP A 6 0.23 -12.18 -10.95
CA TRP A 6 0.38 -10.69 -10.95
C TRP A 6 -0.22 -10.01 -9.71
N LEU A 7 -1.38 -10.46 -9.22
CA LEU A 7 -1.98 -9.79 -8.03
C LEU A 7 -1.04 -9.87 -6.83
N SER A 8 -0.42 -11.02 -6.68
CA SER A 8 0.54 -11.23 -5.54
C SER A 8 1.69 -10.21 -5.62
N LEU A 9 2.15 -9.96 -6.84
CA LEU A 9 3.27 -8.99 -7.07
C LEU A 9 2.95 -7.56 -6.57
N LEU A 10 1.71 -7.12 -6.77
CA LEU A 10 1.32 -5.71 -6.41
C LEU A 10 1.49 -5.36 -4.93
N LEU A 11 1.18 -6.27 -4.03
CA LEU A 11 1.31 -6.01 -2.54
C LEU A 11 2.74 -5.69 -2.04
N LEU A 12 3.75 -6.38 -2.57
CA LEU A 12 5.17 -6.26 -2.04
C LEU A 12 5.77 -4.83 -2.09
N PRO A 13 5.56 -4.08 -3.12
CA PRO A 13 6.12 -2.70 -3.20
C PRO A 13 5.32 -1.55 -2.50
N ILE A 14 4.04 -1.72 -2.06
CA ILE A 14 3.35 -0.56 -1.41
C ILE A 14 3.93 -0.23 -0.02
N PRO A 15 4.37 -1.21 0.73
CA PRO A 15 4.95 -0.96 2.09
C PRO A 15 6.26 -0.17 2.01
N LEU A 16 6.89 -0.22 0.84
CA LEU A 16 8.22 0.49 0.64
C LEU A 16 8.06 1.99 0.86
N ILE A 17 6.95 2.56 0.39
CA ILE A 17 6.71 4.02 0.51
C ILE A 17 6.70 4.49 1.98
N VAL A 18 6.10 3.71 2.87
CA VAL A 18 6.01 4.12 4.31
C VAL A 18 7.42 4.30 4.90
N TRP A 19 8.33 3.41 4.54
CA TRP A 19 9.73 3.51 5.06
C TRP A 19 10.37 4.82 4.65
N VAL A 20 10.12 5.25 3.41
CA VAL A 20 10.68 6.52 2.90
C VAL A 20 10.25 7.71 3.73
N LYS A 21 8.99 7.71 4.16
CA LYS A 21 8.45 8.83 4.98
C LYS A 21 9.24 8.97 6.28
N ARG A 22 9.59 7.83 6.88
CA ARG A 22 10.36 7.85 8.15
C ARG A 22 11.70 8.55 7.94
N LYS A 23 12.32 8.29 6.79
CA LYS A 23 13.63 8.91 6.45
C LYS A 23 13.53 10.43 6.43
N GLU A 24 12.43 10.94 5.90
CA GLU A 24 12.22 12.42 5.82
C GLU A 24 12.15 13.01 7.23
N VAL A 25 12.72 14.21 7.39
CA VAL A 25 12.71 14.89 8.72
C VAL A 25 11.49 15.80 8.84
N GLN A 26 11.64 17.04 8.39
CA GLN A 26 10.52 18.03 8.47
C GLN A 26 10.80 19.23 7.57
N LYS A 27 11.80 19.08 6.70
CA LYS A 27 12.20 20.18 5.76
C LYS A 27 11.96 21.55 6.38
N THR A 28 13.00 22.08 7.02
CA THR A 28 12.90 23.42 7.68
C THR A 28 13.02 24.55 6.65
N ARG B 1 2.80 -24.86 -6.15
CA ARG B 1 3.93 -24.09 -5.57
C ARG B 1 3.57 -23.70 -4.14
N SER B 2 2.29 -23.80 -3.80
CA SER B 2 1.82 -23.45 -2.44
C SER B 2 2.24 -22.03 -2.05
N ASN B 3 2.32 -21.80 -0.75
CA ASN B 3 2.71 -20.46 -0.21
C ASN B 3 1.73 -19.37 -0.63
N LEU B 4 0.58 -19.78 -1.16
CA LEU B 4 -0.46 -18.81 -1.60
C LEU B 4 -0.92 -17.95 -0.43
N GLY B 5 -1.06 -18.55 0.74
CA GLY B 5 -1.55 -17.82 1.94
C GLY B 5 -0.64 -16.65 2.34
N TRP B 6 0.69 -16.81 2.27
CA TRP B 6 1.60 -15.70 2.69
C TRP B 6 1.41 -14.41 1.90
N LEU B 7 1.21 -14.49 0.58
CA LEU B 7 1.04 -13.24 -0.23
C LEU B 7 -0.17 -12.44 0.25
N SER B 8 -1.24 -13.14 0.56
CA SER B 8 -2.49 -12.49 1.06
C SER B 8 -2.22 -11.71 2.35
N LEU B 9 -1.40 -12.27 3.22
CA LEU B 9 -1.08 -11.61 4.51
C LEU B 9 -0.43 -10.23 4.27
N LEU B 10 0.43 -10.14 3.26
CA LEU B 10 1.18 -8.86 2.95
C LEU B 10 0.26 -7.66 2.65
N LEU B 11 -0.82 -7.84 1.92
CA LEU B 11 -1.75 -6.70 1.54
C LEU B 11 -2.41 -5.97 2.75
N LEU B 12 -2.83 -6.73 3.77
CA LEU B 12 -3.59 -6.15 4.97
C LEU B 12 -2.85 -5.05 5.77
N PRO B 13 -1.57 -5.18 5.99
CA PRO B 13 -0.76 -4.17 6.77
C PRO B 13 -0.45 -2.80 6.11
N ILE B 14 -0.32 -2.64 4.77
CA ILE B 14 0.03 -1.27 4.29
C ILE B 14 -1.15 -0.29 4.45
N PRO B 15 -2.37 -0.73 4.24
CA PRO B 15 -3.58 0.15 4.37
C PRO B 15 -3.64 0.98 5.66
N LEU B 16 -2.92 0.57 6.71
CA LEU B 16 -2.99 1.35 7.99
C LEU B 16 -2.54 2.81 7.81
N ILE B 17 -1.50 3.02 7.03
CA ILE B 17 -0.99 4.41 6.79
C ILE B 17 -2.06 5.29 6.17
N VAL B 18 -2.82 4.72 5.23
CA VAL B 18 -3.89 5.48 4.53
C VAL B 18 -4.94 5.98 5.52
N TRP B 19 -5.27 5.15 6.50
CA TRP B 19 -6.30 5.52 7.52
C TRP B 19 -5.91 6.78 8.31
N VAL B 20 -4.64 6.92 8.65
CA VAL B 20 -4.20 8.11 9.44
C VAL B 20 -4.49 9.43 8.68
N LYS B 21 -4.26 9.42 7.37
CA LYS B 21 -4.44 10.65 6.54
C LYS B 21 -5.86 11.22 6.58
N ARG B 22 -6.88 10.39 6.54
CA ARG B 22 -8.28 10.92 6.55
C ARG B 22 -8.54 11.73 7.81
N LYS B 23 -8.02 11.26 8.95
CA LYS B 23 -8.21 11.99 10.23
C LYS B 23 -7.60 13.38 10.13
N GLU B 24 -6.44 13.46 9.48
CA GLU B 24 -5.74 14.77 9.30
C GLU B 24 -5.30 15.34 10.65
N VAL B 25 -4.01 15.20 10.96
CA VAL B 25 -3.44 15.72 12.24
C VAL B 25 -2.35 16.75 11.97
N GLN B 26 -1.86 16.77 10.73
CA GLN B 26 -0.77 17.72 10.35
C GLN B 26 -1.36 19.07 9.97
N LYS B 27 -0.76 20.14 10.50
CA LYS B 27 -1.24 21.53 10.20
C LYS B 27 -0.58 22.05 8.93
N THR B 28 -1.38 22.77 8.13
CA THR B 28 -0.86 23.35 6.86
C THR B 28 0.42 24.14 7.12
N ARG C 1 -15.43 -19.96 -3.34
CA ARG C 1 -15.85 -19.85 -4.77
C ARG C 1 -15.75 -18.40 -5.21
N SER C 2 -15.22 -17.54 -4.33
CA SER C 2 -15.07 -16.10 -4.66
C SER C 2 -14.23 -15.40 -3.60
N ASN C 3 -13.90 -16.13 -2.53
CA ASN C 3 -13.08 -15.56 -1.43
C ASN C 3 -11.67 -15.25 -1.91
N LEU C 4 -11.15 -16.07 -2.82
CA LEU C 4 -9.78 -15.85 -3.36
C LEU C 4 -9.68 -14.51 -4.05
N GLY C 5 -10.73 -14.14 -4.78
CA GLY C 5 -10.77 -12.84 -5.48
C GLY C 5 -10.62 -11.66 -4.51
N TRP C 6 -11.28 -11.76 -3.34
CA TRP C 6 -11.25 -10.63 -2.35
C TRP C 6 -9.84 -10.27 -1.86
N LEU C 7 -8.97 -11.24 -1.61
CA LEU C 7 -7.60 -10.88 -1.13
C LEU C 7 -6.90 -10.02 -2.18
N SER C 8 -7.10 -10.39 -3.43
CA SER C 8 -6.51 -9.64 -4.58
C SER C 8 -7.01 -8.19 -4.62
N LEU C 9 -8.28 -7.99 -4.29
CA LEU C 9 -8.87 -6.63 -4.32
C LEU C 9 -8.15 -5.66 -3.36
N LEU C 10 -7.77 -6.13 -2.17
CA LEU C 10 -7.14 -5.25 -1.13
C LEU C 10 -5.83 -4.58 -1.59
N LEU C 11 -4.97 -5.29 -2.33
CA LEU C 11 -3.67 -4.69 -2.79
C LEU C 11 -3.83 -3.45 -3.71
N LEU C 12 -4.81 -3.48 -4.62
CA LEU C 12 -4.99 -2.35 -5.63
C LEU C 12 -5.26 -0.95 -5.00
N PRO C 13 -6.05 -0.82 -3.97
CA PRO C 13 -6.29 0.51 -3.31
C PRO C 13 -5.09 1.16 -2.57
N ILE C 14 -4.08 0.42 -2.04
CA ILE C 14 -2.97 1.13 -1.34
C ILE C 14 -2.10 1.91 -2.36
N PRO C 15 -1.73 1.33 -3.49
CA PRO C 15 -0.92 2.04 -4.54
C PRO C 15 -1.37 3.48 -4.82
N LEU C 16 -2.63 3.80 -4.54
CA LEU C 16 -3.15 5.18 -4.89
C LEU C 16 -2.37 6.29 -4.19
N ILE C 17 -2.02 6.10 -2.92
CA ILE C 17 -1.25 7.15 -2.18
C ILE C 17 0.09 7.44 -2.86
N VAL C 18 0.72 6.38 -3.34
CA VAL C 18 2.06 6.48 -4.00
C VAL C 18 2.02 7.37 -5.25
N TRP C 19 0.94 7.27 -6.02
CA TRP C 19 0.83 8.05 -7.28
C TRP C 19 0.89 9.56 -7.04
N VAL C 20 0.25 10.04 -5.97
CA VAL C 20 0.28 11.51 -5.69
C VAL C 20 1.73 11.97 -5.49
N LYS C 21 2.51 11.14 -4.81
CA LYS C 21 3.94 11.45 -4.54
C LYS C 21 4.71 11.61 -5.85
N ARG C 22 4.39 10.75 -6.82
CA ARG C 22 5.09 10.80 -8.14
C ARG C 22 4.89 12.15 -8.82
N LYS C 23 3.68 12.70 -8.72
CA LYS C 23 3.39 14.02 -9.34
C LYS C 23 4.31 15.09 -8.77
N GLU C 24 4.56 15.02 -7.47
CA GLU C 24 5.45 16.01 -6.79
C GLU C 24 5.01 17.44 -7.11
N VAL C 25 5.90 18.22 -7.70
CA VAL C 25 5.58 19.64 -8.05
C VAL C 25 4.74 20.29 -6.95
N GLN C 26 3.42 20.17 -7.06
CA GLN C 26 2.51 20.76 -6.04
C GLN C 26 2.64 20.03 -4.71
N LYS C 27 2.39 20.75 -3.61
CA LYS C 27 2.49 20.14 -2.25
C LYS C 27 1.21 20.39 -1.46
N THR C 28 0.66 19.34 -0.88
CA THR C 28 -0.59 19.45 -0.08
C THR C 28 -1.60 20.34 -0.80
N ARG A 1 -6.09 -19.03 -18.31
CA ARG A 1 -4.62 -19.26 -18.25
C ARG A 1 -4.16 -19.22 -16.80
N SER A 2 -4.88 -18.46 -15.98
CA SER A 2 -4.55 -18.32 -14.55
C SER A 2 -3.40 -17.33 -14.34
N ASN A 3 -3.52 -16.49 -13.33
CA ASN A 3 -2.47 -15.48 -13.02
C ASN A 3 -2.39 -15.23 -11.52
N LEU A 4 -2.42 -16.31 -10.74
CA LEU A 4 -2.34 -16.21 -9.27
C LEU A 4 -1.04 -15.52 -8.84
N GLY A 5 0.04 -15.85 -9.50
CA GLY A 5 1.36 -15.23 -9.14
C GLY A 5 1.34 -13.69 -9.29
N TRP A 6 0.69 -13.18 -10.34
CA TRP A 6 0.68 -11.70 -10.58
C TRP A 6 0.05 -10.89 -9.44
N LEU A 7 -1.05 -11.37 -8.85
CA LEU A 7 -1.68 -10.60 -7.73
C LEU A 7 -0.69 -10.46 -6.57
N SER A 8 0.03 -11.52 -6.32
CA SER A 8 1.06 -11.55 -5.23
C SER A 8 2.13 -10.47 -5.48
N LEU A 9 2.51 -10.29 -6.72
CA LEU A 9 3.55 -9.28 -7.05
C LEU A 9 3.09 -7.87 -6.64
N LEU A 10 1.81 -7.55 -6.83
CA LEU A 10 1.28 -6.18 -6.51
C LEU A 10 1.43 -5.78 -5.02
N LEU A 11 1.20 -6.70 -4.09
CA LEU A 11 1.30 -6.39 -2.61
C LEU A 11 2.70 -5.91 -2.11
N LEU A 12 3.78 -6.53 -2.61
CA LEU A 12 5.19 -6.21 -2.13
C LEU A 12 5.64 -4.74 -2.32
N PRO A 13 5.32 -4.10 -3.40
CA PRO A 13 5.73 -2.68 -3.66
C PRO A 13 5.11 -1.61 -2.72
N ILE A 14 3.89 -1.80 -2.16
CA ILE A 14 3.37 -0.72 -1.29
C ILE A 14 4.15 -0.64 0.02
N PRO A 15 4.44 -1.73 0.70
CA PRO A 15 5.28 -1.69 1.94
C PRO A 15 6.43 -0.69 1.79
N LEU A 16 6.74 -0.38 0.55
CA LEU A 16 7.86 0.59 0.22
C LEU A 16 7.59 1.97 0.83
N ILE A 17 6.33 2.41 0.80
CA ILE A 17 5.98 3.79 1.29
C ILE A 17 6.35 4.01 2.76
N VAL A 18 6.14 3.03 3.63
CA VAL A 18 6.50 3.24 5.08
C VAL A 18 8.00 3.52 5.18
N TRP A 19 8.78 2.81 4.39
CA TRP A 19 10.27 2.99 4.38
C TRP A 19 10.63 4.43 4.00
N VAL A 20 9.91 5.00 3.04
CA VAL A 20 10.17 6.39 2.59
C VAL A 20 10.01 7.37 3.74
N LYS A 21 9.00 7.13 4.58
CA LYS A 21 8.74 8.03 5.75
C LYS A 21 9.96 8.04 6.67
N ARG A 22 10.56 6.88 6.86
CA ARG A 22 11.76 6.76 7.74
C ARG A 22 12.89 7.65 7.22
N LYS A 23 13.05 7.68 5.90
CA LYS A 23 14.12 8.52 5.27
C LYS A 23 13.92 9.98 5.63
N GLU A 24 12.66 10.42 5.62
CA GLU A 24 12.33 11.83 5.96
C GLU A 24 12.99 12.78 4.97
N VAL A 25 12.18 13.60 4.30
CA VAL A 25 12.71 14.58 3.31
C VAL A 25 12.06 15.95 3.51
N GLN A 26 12.88 16.99 3.56
CA GLN A 26 12.37 18.37 3.77
C GLN A 26 11.84 18.95 2.45
N LYS A 27 12.74 19.48 1.63
CA LYS A 27 12.35 20.08 0.32
C LYS A 27 13.27 19.58 -0.80
N THR A 28 14.41 19.03 -0.41
CA THR A 28 15.39 18.50 -1.40
C THR A 28 14.73 17.51 -2.34
N ARG B 1 2.35 -28.31 0.82
CA ARG B 1 2.75 -26.95 1.31
C ARG B 1 1.50 -26.07 1.41
N SER B 2 1.69 -24.83 1.86
CA SER B 2 0.55 -23.89 2.00
C SER B 2 1.05 -22.48 2.28
N ASN B 3 1.83 -21.93 1.36
CA ASN B 3 2.37 -20.54 1.53
C ASN B 3 1.50 -19.53 0.80
N LEU B 4 0.42 -20.02 0.19
CA LEU B 4 -0.51 -19.13 -0.56
C LEU B 4 -1.10 -18.08 0.37
N GLY B 5 -1.43 -18.50 1.58
CA GLY B 5 -2.01 -17.59 2.59
C GLY B 5 -1.08 -16.41 2.91
N TRP B 6 0.23 -16.68 3.01
CA TRP B 6 1.19 -15.59 3.38
C TRP B 6 1.19 -14.41 2.41
N LEU B 7 1.11 -14.64 1.09
CA LEU B 7 1.10 -13.48 0.16
C LEU B 7 -0.10 -12.58 0.47
N SER B 8 -1.21 -13.23 0.75
CA SER B 8 -2.48 -12.53 1.12
C SER B 8 -2.28 -11.67 2.37
N LEU B 9 -1.53 -12.18 3.32
CA LEU B 9 -1.29 -11.46 4.59
C LEU B 9 -0.63 -10.09 4.34
N LEU B 10 0.30 -10.02 3.40
CA LEU B 10 1.04 -8.73 3.15
C LEU B 10 0.14 -7.55 2.75
N LEU B 11 -0.89 -7.76 1.93
CA LEU B 11 -1.79 -6.64 1.49
C LEU B 11 -2.56 -5.91 2.63
N LEU B 12 -3.03 -6.67 3.62
CA LEU B 12 -3.93 -6.09 4.72
C LEU B 12 -3.30 -4.96 5.57
N PRO B 13 -2.05 -5.02 5.91
CA PRO B 13 -1.40 -3.95 6.74
C PRO B 13 -0.94 -2.67 5.98
N ILE B 14 -0.78 -2.64 4.64
CA ILE B 14 -0.31 -1.38 4.00
C ILE B 14 -1.40 -0.27 4.04
N PRO B 15 -2.66 -0.61 3.88
CA PRO B 15 -3.79 0.38 3.92
C PRO B 15 -3.76 1.24 5.18
N LEU B 16 -3.07 0.75 6.20
CA LEU B 16 -2.99 1.48 7.52
C LEU B 16 -2.38 2.87 7.36
N ILE B 17 -1.37 3.01 6.53
CA ILE B 17 -0.70 4.34 6.36
C ILE B 17 -1.68 5.40 5.87
N VAL B 18 -2.57 5.04 4.94
CA VAL B 18 -3.53 6.04 4.41
C VAL B 18 -4.41 6.58 5.55
N TRP B 19 -4.81 5.70 6.45
CA TRP B 19 -5.66 6.09 7.60
C TRP B 19 -4.95 7.14 8.47
N VAL B 20 -3.64 6.97 8.66
CA VAL B 20 -2.86 7.90 9.50
C VAL B 20 -2.93 9.32 8.93
N LYS B 21 -2.86 9.45 7.61
CA LYS B 21 -2.92 10.80 6.98
C LYS B 21 -4.24 11.47 7.33
N ARG B 22 -5.31 10.70 7.32
CA ARG B 22 -6.66 11.24 7.66
C ARG B 22 -6.67 11.80 9.08
N LYS B 23 -6.01 11.11 9.99
CA LYS B 23 -5.96 11.55 11.41
C LYS B 23 -5.33 12.95 11.53
N GLU B 24 -4.29 13.19 10.75
CA GLU B 24 -3.57 14.51 10.75
C GLU B 24 -3.77 15.26 12.07
N VAL B 25 -3.00 14.88 13.09
CA VAL B 25 -3.11 15.52 14.43
C VAL B 25 -1.87 16.37 14.73
N GLN B 26 -0.72 15.72 14.81
CA GLN B 26 0.56 16.43 15.11
C GLN B 26 1.72 15.75 14.39
N LYS B 27 2.50 16.54 13.66
CA LYS B 27 3.67 16.02 12.90
C LYS B 27 4.96 16.70 13.37
N THR B 28 4.80 17.86 14.02
CA THR B 28 5.98 18.61 14.53
C THR B 28 6.36 18.15 15.93
N ARG C 1 -10.36 -22.19 -1.36
CA ARG C 1 -11.50 -21.49 -2.01
C ARG C 1 -11.94 -20.33 -1.14
N SER C 2 -11.17 -20.04 -0.09
CA SER C 2 -11.50 -18.92 0.82
C SER C 2 -11.46 -17.58 0.09
N ASN C 3 -12.42 -17.39 -0.81
CA ASN C 3 -12.49 -16.12 -1.60
C ASN C 3 -11.10 -15.65 -2.00
N LEU C 4 -10.45 -16.43 -2.87
CA LEU C 4 -9.09 -16.09 -3.36
C LEU C 4 -9.09 -14.74 -4.07
N GLY C 5 -10.13 -14.49 -4.84
CA GLY C 5 -10.23 -13.20 -5.59
C GLY C 5 -10.24 -11.99 -4.66
N TRP C 6 -10.94 -12.06 -3.52
CA TRP C 6 -11.04 -10.89 -2.60
C TRP C 6 -9.70 -10.39 -2.08
N LEU C 7 -8.77 -11.28 -1.73
CA LEU C 7 -7.44 -10.81 -1.22
C LEU C 7 -6.75 -9.97 -2.28
N SER C 8 -6.87 -10.41 -3.52
CA SER C 8 -6.26 -9.71 -4.68
C SER C 8 -6.78 -8.29 -4.83
N LEU C 9 -8.05 -8.08 -4.59
CA LEU C 9 -8.66 -6.71 -4.71
C LEU C 9 -7.98 -5.72 -3.77
N LEU C 10 -7.66 -6.16 -2.56
CA LEU C 10 -7.07 -5.26 -1.50
C LEU C 10 -5.74 -4.58 -1.90
N LEU C 11 -4.86 -5.30 -2.57
CA LEU C 11 -3.51 -4.72 -2.98
C LEU C 11 -3.60 -3.48 -3.90
N LEU C 12 -4.54 -3.49 -4.86
CA LEU C 12 -4.65 -2.40 -5.91
C LEU C 12 -4.88 -0.97 -5.38
N PRO C 13 -5.69 -0.74 -4.37
CA PRO C 13 -5.98 0.64 -3.87
C PRO C 13 -4.92 1.32 -2.95
N ILE C 14 -4.02 0.62 -2.24
CA ILE C 14 -3.05 1.40 -1.37
C ILE C 14 -2.02 2.19 -2.19
N PRO C 15 -1.59 1.71 -3.33
CA PRO C 15 -0.59 2.42 -4.19
C PRO C 15 -1.10 3.80 -4.64
N LEU C 16 -2.41 3.98 -4.57
CA LEU C 16 -3.05 5.27 -5.02
C LEU C 16 -2.54 6.49 -4.23
N ILE C 17 -2.35 6.34 -2.93
CA ILE C 17 -1.93 7.50 -2.08
C ILE C 17 -0.60 8.13 -2.49
N VAL C 18 0.41 7.35 -2.88
CA VAL C 18 1.72 7.96 -3.27
C VAL C 18 1.56 8.93 -4.44
N TRP C 19 0.73 8.54 -5.40
CA TRP C 19 0.50 9.38 -6.63
C TRP C 19 -0.06 10.77 -6.29
N VAL C 20 -0.98 10.85 -5.33
CA VAL C 20 -1.58 12.17 -4.97
C VAL C 20 -0.51 13.16 -4.51
N LYS C 21 0.46 12.68 -3.74
CA LYS C 21 1.55 13.56 -3.23
C LYS C 21 2.31 14.18 -4.39
N ARG C 22 2.56 13.37 -5.43
CA ARG C 22 3.30 13.87 -6.63
C ARG C 22 2.55 15.04 -7.26
N LYS C 23 1.23 14.93 -7.31
CA LYS C 23 0.38 16.01 -7.90
C LYS C 23 0.56 17.33 -7.16
N GLU C 24 0.66 17.26 -5.84
CA GLU C 24 0.81 18.48 -4.98
C GLU C 24 -0.47 19.30 -5.00
N VAL C 25 -1.21 19.27 -3.89
CA VAL C 25 -2.48 20.04 -3.79
C VAL C 25 -2.21 21.53 -3.70
N GLN C 26 -3.19 22.33 -4.09
CA GLN C 26 -3.03 23.82 -4.05
C GLN C 26 -4.40 24.49 -4.16
N LYS C 27 -4.66 25.41 -3.23
CA LYS C 27 -5.96 26.15 -3.23
C LYS C 27 -5.78 27.54 -2.61
N THR C 28 -6.52 28.51 -3.13
CA THR C 28 -6.44 29.90 -2.62
C THR C 28 -4.98 30.34 -2.49
N ARG A 1 1.26 -20.16 -16.64
CA ARG A 1 -0.09 -20.75 -16.37
C ARG A 1 -0.74 -20.00 -15.21
N SER A 2 -2.02 -19.69 -15.37
CA SER A 2 -2.78 -18.96 -14.32
C SER A 2 -2.11 -17.64 -13.97
N ASN A 3 -2.93 -16.64 -13.63
CA ASN A 3 -2.39 -15.28 -13.27
C ASN A 3 -2.36 -15.10 -11.76
N LEU A 4 -2.39 -16.20 -11.02
CA LEU A 4 -2.36 -16.12 -9.53
C LEU A 4 -1.09 -15.43 -9.05
N GLY A 5 0.03 -15.73 -9.69
CA GLY A 5 1.32 -15.11 -9.31
C GLY A 5 1.30 -13.57 -9.43
N TRP A 6 0.65 -13.06 -10.49
CA TRP A 6 0.62 -11.58 -10.72
C TRP A 6 -0.04 -10.79 -9.57
N LEU A 7 -1.12 -11.28 -8.99
CA LEU A 7 -1.77 -10.52 -7.89
C LEU A 7 -0.79 -10.33 -6.73
N SER A 8 -0.04 -11.38 -6.45
CA SER A 8 0.98 -11.35 -5.34
C SER A 8 2.03 -10.27 -5.56
N LEU A 9 2.46 -10.08 -6.79
CA LEU A 9 3.51 -9.04 -7.09
C LEU A 9 3.04 -7.63 -6.68
N LEU A 10 1.77 -7.31 -6.91
CA LEU A 10 1.25 -5.94 -6.62
C LEU A 10 1.38 -5.52 -5.13
N LEU A 11 1.14 -6.43 -4.19
CA LEU A 11 1.21 -6.06 -2.73
C LEU A 11 2.61 -5.55 -2.25
N LEU A 12 3.72 -6.16 -2.71
CA LEU A 12 5.11 -5.75 -2.21
C LEU A 12 5.49 -4.28 -2.50
N PRO A 13 5.17 -3.76 -3.64
CA PRO A 13 5.42 -2.32 -3.99
C PRO A 13 4.89 -1.27 -3.00
N ILE A 14 3.68 -1.41 -2.43
CA ILE A 14 3.18 -0.34 -1.52
C ILE A 14 3.96 -0.28 -0.20
N PRO A 15 4.20 -1.37 0.49
CA PRO A 15 4.97 -1.31 1.75
C PRO A 15 6.26 -0.47 1.60
N LEU A 16 6.74 -0.33 0.38
CA LEU A 16 8.03 0.44 0.17
C LEU A 16 7.92 1.90 0.65
N ILE A 17 6.79 2.56 0.39
CA ILE A 17 6.62 3.98 0.82
C ILE A 17 6.74 4.15 2.35
N VAL A 18 6.17 3.21 3.11
CA VAL A 18 6.22 3.32 4.60
C VAL A 18 7.67 3.32 5.12
N TRP A 19 8.51 2.50 4.50
CA TRP A 19 9.94 2.40 4.93
C TRP A 19 10.64 3.76 4.80
N VAL A 20 10.35 4.49 3.72
CA VAL A 20 10.99 5.81 3.52
C VAL A 20 10.65 6.74 4.69
N LYS A 21 9.40 6.68 5.14
CA LYS A 21 8.96 7.51 6.29
C LYS A 21 9.78 7.18 7.53
N ARG A 22 10.07 5.90 7.71
CA ARG A 22 10.88 5.43 8.88
C ARG A 22 12.26 6.09 8.85
N LYS A 23 12.84 6.21 7.66
CA LYS A 23 14.18 6.83 7.52
C LYS A 23 14.15 8.27 8.04
N GLU A 24 13.07 8.98 7.74
CA GLU A 24 12.91 10.39 8.21
C GLU A 24 14.05 11.25 7.70
N VAL A 25 13.78 12.03 6.66
CA VAL A 25 14.82 12.92 6.07
C VAL A 25 15.15 14.05 7.03
N GLN A 26 16.30 14.69 6.82
CA GLN A 26 16.74 15.82 7.70
C GLN A 26 17.56 16.83 6.91
N LYS A 27 17.18 18.10 7.02
CA LYS A 27 17.90 19.18 6.30
C LYS A 27 18.26 18.74 4.88
N THR A 28 19.18 19.49 4.26
CA THR A 28 19.62 19.17 2.87
C THR A 28 18.43 19.08 1.93
N ARG B 1 9.88 -20.49 4.38
CA ARG B 1 10.16 -19.94 3.03
C ARG B 1 9.04 -18.97 2.64
N SER B 2 7.95 -19.50 2.08
CA SER B 2 6.80 -18.64 1.68
C SER B 2 5.67 -19.48 1.11
N ASN B 3 4.47 -19.24 1.63
CA ASN B 3 3.26 -19.99 1.17
C ASN B 3 2.24 -19.05 0.55
N LEU B 4 1.17 -19.60 -0.01
CA LEU B 4 0.12 -18.76 -0.65
C LEU B 4 -0.49 -17.81 0.35
N GLY B 5 -0.71 -18.28 1.56
CA GLY B 5 -1.31 -17.42 2.62
C GLY B 5 -0.46 -16.18 2.92
N TRP B 6 0.88 -16.33 2.95
CA TRP B 6 1.77 -15.18 3.31
C TRP B 6 1.63 -13.97 2.35
N LEU B 7 1.51 -14.20 1.04
CA LEU B 7 1.37 -13.03 0.12
C LEU B 7 0.14 -12.22 0.47
N SER B 8 -0.94 -12.94 0.79
CA SER B 8 -2.23 -12.31 1.19
C SER B 8 -2.05 -11.44 2.44
N LEU B 9 -1.24 -11.91 3.36
CA LEU B 9 -1.01 -11.17 4.63
C LEU B 9 -0.42 -9.77 4.34
N LEU B 10 0.48 -9.68 3.37
CA LEU B 10 1.17 -8.37 3.06
C LEU B 10 0.20 -7.24 2.66
N LEU B 11 -0.83 -7.52 1.88
CA LEU B 11 -1.82 -6.46 1.45
C LEU B 11 -2.57 -5.77 2.63
N LEU B 12 -2.97 -6.55 3.64
CA LEU B 12 -3.82 -6.00 4.78
C LEU B 12 -3.20 -4.84 5.58
N PRO B 13 -1.94 -4.86 5.89
CA PRO B 13 -1.29 -3.74 6.64
C PRO B 13 -0.92 -2.46 5.84
N ILE B 14 -0.82 -2.43 4.49
CA ILE B 14 -0.43 -1.14 3.85
C ILE B 14 -1.56 -0.10 3.95
N PRO B 15 -2.81 -0.49 3.81
CA PRO B 15 -3.96 0.45 3.94
C PRO B 15 -3.95 1.19 5.27
N LEU B 16 -3.24 0.64 6.26
CA LEU B 16 -3.19 1.27 7.63
C LEU B 16 -2.60 2.68 7.55
N ILE B 17 -1.57 2.86 6.74
CA ILE B 17 -0.90 4.18 6.61
C ILE B 17 -1.86 5.28 6.14
N VAL B 18 -2.74 4.96 5.19
CA VAL B 18 -3.70 5.98 4.67
C VAL B 18 -4.58 6.53 5.79
N TRP B 19 -5.02 5.66 6.69
CA TRP B 19 -5.89 6.11 7.81
C TRP B 19 -5.19 7.15 8.66
N VAL B 20 -3.89 6.94 8.90
CA VAL B 20 -3.09 7.91 9.71
C VAL B 20 -3.11 9.29 9.06
N LYS B 21 -3.01 9.31 7.74
CA LYS B 21 -3.02 10.60 6.99
C LYS B 21 -4.33 11.38 7.22
N ARG B 22 -5.45 10.67 7.25
CA ARG B 22 -6.78 11.33 7.40
C ARG B 22 -6.92 12.15 8.70
N LYS B 23 -6.42 11.65 9.81
CA LYS B 23 -6.54 12.41 11.10
C LYS B 23 -5.85 13.76 10.97
N GLU B 24 -4.70 13.76 10.31
CA GLU B 24 -3.90 15.01 10.11
C GLU B 24 -3.33 15.51 11.44
N VAL B 25 -2.05 15.23 11.66
CA VAL B 25 -1.38 15.67 12.92
C VAL B 25 0.12 15.85 12.66
N GLN B 26 0.45 16.58 11.59
CA GLN B 26 1.87 16.83 11.21
C GLN B 26 2.14 18.33 11.10
N LYS B 27 3.42 18.70 11.21
CA LYS B 27 3.84 20.13 11.10
C LYS B 27 4.87 20.30 10.00
N THR B 28 5.05 21.53 9.53
CA THR B 28 6.04 21.81 8.45
C THR B 28 7.46 21.59 8.96
N ARG C 1 -13.13 -22.93 -0.34
CA ARG C 1 -12.05 -22.11 -0.95
C ARG C 1 -12.65 -21.20 -2.02
N SER C 2 -13.22 -20.09 -1.59
CA SER C 2 -13.84 -19.12 -2.55
C SER C 2 -13.63 -17.69 -2.08
N ASN C 3 -12.68 -17.51 -1.16
CA ASN C 3 -12.36 -16.15 -0.62
C ASN C 3 -11.01 -15.67 -1.15
N LEU C 4 -10.39 -16.51 -1.98
CA LEU C 4 -9.07 -16.18 -2.57
C LEU C 4 -9.15 -14.90 -3.40
N GLY C 5 -10.24 -14.75 -4.13
CA GLY C 5 -10.41 -13.54 -4.99
C GLY C 5 -10.40 -12.24 -4.16
N TRP C 6 -11.03 -12.25 -2.97
CA TRP C 6 -11.09 -11.01 -2.14
C TRP C 6 -9.72 -10.47 -1.73
N LEU C 7 -8.76 -11.33 -1.38
CA LEU C 7 -7.42 -10.80 -0.95
C LEU C 7 -6.76 -10.01 -2.08
N SER C 8 -6.92 -10.51 -3.31
CA SER C 8 -6.34 -9.83 -4.52
C SER C 8 -6.91 -8.41 -4.68
N LEU C 9 -8.19 -8.25 -4.41
CA LEU C 9 -8.84 -6.91 -4.56
C LEU C 9 -8.16 -5.87 -3.65
N LEU C 10 -7.79 -6.27 -2.44
CA LEU C 10 -7.18 -5.34 -1.45
C LEU C 10 -5.86 -4.67 -1.91
N LEU C 11 -5.00 -5.38 -2.60
CA LEU C 11 -3.67 -4.80 -3.06
C LEU C 11 -3.80 -3.59 -4.01
N LEU C 12 -4.77 -3.63 -4.94
CA LEU C 12 -4.94 -2.57 -6.00
C LEU C 12 -5.19 -1.13 -5.48
N PRO C 13 -5.97 -0.91 -4.45
CA PRO C 13 -6.28 0.48 -3.95
C PRO C 13 -5.17 1.21 -3.12
N ILE C 14 -4.25 0.55 -2.38
CA ILE C 14 -3.27 1.39 -1.61
C ILE C 14 -2.26 2.13 -2.50
N PRO C 15 -1.84 1.55 -3.60
CA PRO C 15 -0.85 2.20 -4.52
C PRO C 15 -1.27 3.62 -4.92
N LEU C 16 -2.57 3.87 -4.92
CA LEU C 16 -3.09 5.23 -5.33
C LEU C 16 -2.55 6.33 -4.41
N ILE C 17 -2.46 6.04 -3.12
CA ILE C 17 -1.96 7.06 -2.15
C ILE C 17 -0.53 7.50 -2.48
N VAL C 18 0.31 6.55 -2.89
CA VAL C 18 1.73 6.86 -3.23
C VAL C 18 1.81 7.87 -4.36
N TRP C 19 0.94 7.72 -5.35
CA TRP C 19 0.93 8.64 -6.54
C TRP C 19 0.71 10.10 -6.13
N VAL C 20 -0.19 10.33 -5.18
CA VAL C 20 -0.49 11.74 -4.74
C VAL C 20 0.78 12.40 -4.18
N LYS C 21 1.57 11.62 -3.44
CA LYS C 21 2.83 12.14 -2.84
C LYS C 21 3.79 12.63 -3.93
N ARG C 22 3.85 11.90 -5.04
CA ARG C 22 4.75 12.30 -6.15
C ARG C 22 4.36 13.69 -6.68
N LYS C 23 3.07 13.94 -6.76
CA LYS C 23 2.56 15.26 -7.24
C LYS C 23 3.06 16.38 -6.34
N GLU C 24 3.06 16.12 -5.03
CA GLU C 24 3.50 17.14 -4.04
C GLU C 24 2.65 18.40 -4.14
N VAL C 25 3.28 19.54 -4.40
CA VAL C 25 2.54 20.83 -4.53
C VAL C 25 1.34 20.68 -5.45
N GLN C 26 0.22 20.22 -4.89
CA GLN C 26 -1.02 20.03 -5.69
C GLN C 26 -2.25 20.10 -4.78
N LYS C 27 -2.10 20.78 -3.65
CA LYS C 27 -3.22 20.92 -2.67
C LYS C 27 -4.38 21.69 -3.30
N THR C 28 -4.06 22.69 -4.11
CA THR C 28 -5.10 23.51 -4.77
C THR C 28 -6.16 23.94 -3.77
N ARG A 1 -3.54 -21.22 -18.55
CA ARG A 1 -3.35 -19.75 -18.45
C ARG A 1 -3.16 -19.37 -16.98
N SER A 2 -2.02 -18.74 -16.69
CA SER A 2 -1.71 -18.30 -15.29
C SER A 2 -2.13 -16.84 -15.08
N ASN A 3 -2.16 -16.42 -13.82
CA ASN A 3 -2.56 -15.02 -13.49
C ASN A 3 -2.60 -14.84 -11.97
N LEU A 4 -2.72 -15.95 -11.25
CA LEU A 4 -2.78 -15.89 -9.76
C LEU A 4 -1.51 -15.25 -9.20
N GLY A 5 -0.38 -15.59 -9.78
CA GLY A 5 0.92 -15.05 -9.33
C GLY A 5 0.97 -13.51 -9.44
N TRP A 6 0.40 -12.96 -10.52
CA TRP A 6 0.46 -11.48 -10.75
C TRP A 6 -0.21 -10.66 -9.63
N LEU A 7 -1.35 -11.12 -9.10
CA LEU A 7 -2.02 -10.33 -8.01
C LEU A 7 -1.09 -10.22 -6.81
N SER A 8 -0.41 -11.30 -6.52
CA SER A 8 0.57 -11.37 -5.37
C SER A 8 1.68 -10.33 -5.55
N LEU A 9 2.14 -10.16 -6.78
CA LEU A 9 3.25 -9.19 -7.07
C LEU A 9 2.88 -7.75 -6.68
N LEU A 10 1.63 -7.36 -6.90
CA LEU A 10 1.17 -5.96 -6.65
C LEU A 10 1.32 -5.50 -5.18
N LEU A 11 1.05 -6.37 -4.21
CA LEU A 11 1.15 -6.01 -2.74
C LEU A 11 2.58 -5.60 -2.27
N LEU A 12 3.61 -6.29 -2.77
CA LEU A 12 5.04 -6.07 -2.28
C LEU A 12 5.59 -4.63 -2.45
N PRO A 13 5.36 -3.94 -3.51
CA PRO A 13 5.88 -2.54 -3.70
C PRO A 13 5.16 -1.39 -2.95
N ILE A 14 3.88 -1.48 -2.48
CA ILE A 14 3.32 -0.28 -1.78
C ILE A 14 3.97 -0.05 -0.41
N PRO A 15 4.33 -1.07 0.32
CA PRO A 15 4.93 -0.93 1.68
C PRO A 15 6.08 0.09 1.73
N LEU A 16 6.69 0.39 0.59
CA LEU A 16 7.84 1.35 0.61
C LEU A 16 7.44 2.73 1.15
N ILE A 17 6.25 3.24 0.78
CA ILE A 17 5.85 4.61 1.25
C ILE A 17 5.78 4.73 2.77
N VAL A 18 5.27 3.73 3.47
CA VAL A 18 5.21 3.81 4.97
C VAL A 18 6.61 3.95 5.56
N TRP A 19 7.56 3.21 5.00
CA TRP A 19 8.96 3.22 5.51
C TRP A 19 9.61 4.61 5.47
N VAL A 20 9.36 5.37 4.41
CA VAL A 20 9.98 6.73 4.29
C VAL A 20 9.58 7.63 5.47
N LYS A 21 8.32 7.54 5.87
CA LYS A 21 7.83 8.38 7.00
C LYS A 21 8.61 8.08 8.27
N ARG A 22 8.92 6.80 8.49
CA ARG A 22 9.70 6.40 9.68
C ARG A 22 11.07 7.07 9.65
N LYS A 23 11.65 7.15 8.45
CA LYS A 23 12.98 7.78 8.27
C LYS A 23 12.95 9.25 8.69
N GLU A 24 11.84 9.92 8.37
CA GLU A 24 11.65 11.36 8.69
C GLU A 24 12.70 12.21 7.97
N VAL A 25 12.44 13.52 7.91
CA VAL A 25 13.36 14.47 7.22
C VAL A 25 14.55 14.82 8.09
N GLN A 26 15.70 15.04 7.46
CA GLN A 26 16.95 15.40 8.19
C GLN A 26 17.13 16.92 8.21
N LYS A 27 16.02 17.64 8.06
CA LYS A 27 16.06 19.13 8.06
C LYS A 27 14.81 19.71 8.71
N THR A 28 14.64 21.02 8.61
CA THR A 28 13.45 21.70 9.21
C THR A 28 13.12 22.97 8.44
N ARG B 1 3.20 -26.74 2.79
CA ARG B 1 4.43 -25.89 2.82
C ARG B 1 4.21 -24.65 1.97
N SER B 2 3.35 -24.78 0.96
CA SER B 2 3.05 -23.62 0.05
C SER B 2 2.84 -22.35 0.86
N ASN B 3 3.37 -21.24 0.35
CA ASN B 3 3.25 -19.92 1.04
C ASN B 3 2.13 -19.08 0.41
N LEU B 4 1.11 -19.75 -0.13
CA LEU B 4 -0.02 -19.02 -0.77
C LEU B 4 -0.71 -18.13 0.25
N GLY B 5 -0.85 -18.62 1.46
CA GLY B 5 -1.49 -17.81 2.54
C GLY B 5 -0.71 -16.52 2.80
N TRP B 6 0.63 -16.61 2.78
CA TRP B 6 1.49 -15.42 3.09
C TRP B 6 1.29 -14.23 2.14
N LEU B 7 1.12 -14.48 0.84
CA LEU B 7 0.94 -13.31 -0.10
C LEU B 7 -0.29 -12.52 0.29
N SER B 8 -1.35 -13.22 0.66
CA SER B 8 -2.62 -12.55 1.10
C SER B 8 -2.36 -11.66 2.31
N LEU B 9 -1.52 -12.12 3.21
CA LEU B 9 -1.20 -11.35 4.46
C LEU B 9 -0.58 -9.97 4.16
N LEU B 10 0.30 -9.91 3.16
CA LEU B 10 1.05 -8.64 2.85
C LEU B 10 0.15 -7.43 2.50
N LEU B 11 -0.92 -7.63 1.74
CA LEU B 11 -1.84 -6.48 1.36
C LEU B 11 -2.50 -5.77 2.57
N LEU B 12 -2.92 -6.54 3.58
CA LEU B 12 -3.68 -5.96 4.77
C LEU B 12 -2.91 -4.88 5.58
N PRO B 13 -1.63 -5.02 5.83
CA PRO B 13 -0.82 -3.99 6.58
C PRO B 13 -0.49 -2.64 5.88
N ILE B 14 -0.44 -2.52 4.53
CA ILE B 14 -0.08 -1.18 3.95
C ILE B 14 -1.21 -0.16 4.16
N PRO B 15 -2.45 -0.55 4.05
CA PRO B 15 -3.60 0.39 4.25
C PRO B 15 -3.42 1.22 5.52
N LEU B 16 -2.57 0.73 6.42
CA LEU B 16 -2.32 1.47 7.73
C LEU B 16 -1.78 2.87 7.46
N ILE B 17 -0.88 3.00 6.48
CA ILE B 17 -0.27 4.33 6.17
C ILE B 17 -1.33 5.36 5.78
N VAL B 18 -2.33 4.95 5.00
CA VAL B 18 -3.40 5.90 4.56
C VAL B 18 -4.12 6.49 5.78
N TRP B 19 -4.37 5.66 6.78
CA TRP B 19 -5.06 6.13 8.02
C TRP B 19 -4.26 7.24 8.69
N VAL B 20 -2.94 7.08 8.71
CA VAL B 20 -2.05 8.10 9.34
C VAL B 20 -2.20 9.45 8.66
N LYS B 21 -2.34 9.44 7.34
CA LYS B 21 -2.49 10.72 6.58
C LYS B 21 -3.75 11.47 7.03
N ARG B 22 -4.82 10.72 7.28
CA ARG B 22 -6.10 11.33 7.72
C ARG B 22 -5.91 12.07 9.03
N LYS B 23 -5.12 11.49 9.93
CA LYS B 23 -4.86 12.11 11.25
C LYS B 23 -4.19 13.47 11.09
N GLU B 24 -3.28 13.57 10.13
CA GLU B 24 -2.57 14.86 9.88
C GLU B 24 -2.00 15.42 11.19
N VAL B 25 -0.73 15.10 11.46
CA VAL B 25 -0.06 15.58 12.70
C VAL B 25 1.37 16.00 12.42
N GLN B 26 1.88 16.93 13.24
CA GLN B 26 3.28 17.43 13.08
C GLN B 26 3.96 17.51 14.44
N LYS B 27 5.19 18.02 14.45
CA LYS B 27 5.96 18.14 15.72
C LYS B 27 5.34 19.22 16.62
N THR B 28 4.88 18.81 17.79
CA THR B 28 4.25 19.78 18.74
C THR B 28 5.33 20.57 19.48
N ARG C 1 -14.52 -12.46 -6.65
CA ARG C 1 -15.10 -13.75 -7.12
C ARG C 1 -15.19 -14.72 -5.95
N SER C 2 -14.12 -15.46 -5.70
CA SER C 2 -14.07 -16.45 -4.58
C SER C 2 -13.12 -15.97 -3.49
N ASN C 3 -12.91 -16.81 -2.48
CA ASN C 3 -12.01 -16.46 -1.34
C ASN C 3 -10.70 -15.89 -1.87
N LEU C 4 -10.09 -16.60 -2.81
CA LEU C 4 -8.78 -16.16 -3.39
C LEU C 4 -8.95 -14.80 -4.06
N GLY C 5 -10.06 -14.60 -4.74
CA GLY C 5 -10.32 -13.31 -5.42
C GLY C 5 -10.34 -12.12 -4.45
N TRP C 6 -10.95 -12.29 -3.26
CA TRP C 6 -11.07 -11.15 -2.29
C TRP C 6 -9.72 -10.59 -1.84
N LEU C 7 -8.73 -11.43 -1.57
CA LEU C 7 -7.40 -10.91 -1.14
C LEU C 7 -6.82 -10.01 -2.23
N SER C 8 -7.01 -10.44 -3.46
CA SER C 8 -6.52 -9.68 -4.65
C SER C 8 -7.12 -8.28 -4.72
N LEU C 9 -8.38 -8.14 -4.38
CA LEU C 9 -9.02 -6.79 -4.45
C LEU C 9 -8.30 -5.79 -3.53
N LEU C 10 -7.88 -6.24 -2.34
CA LEU C 10 -7.20 -5.33 -1.36
C LEU C 10 -5.89 -4.70 -1.88
N LEU C 11 -5.07 -5.47 -2.62
CA LEU C 11 -3.77 -4.94 -3.16
C LEU C 11 -3.89 -3.73 -4.12
N LEU C 12 -4.89 -3.74 -5.00
CA LEU C 12 -5.05 -2.63 -6.04
C LEU C 12 -5.24 -1.20 -5.48
N PRO C 13 -5.99 -0.97 -4.44
CA PRO C 13 -6.19 0.40 -3.84
C PRO C 13 -5.00 1.04 -3.06
N ILE C 14 -4.09 0.31 -2.38
CA ILE C 14 -3.01 1.02 -1.60
C ILE C 14 -1.97 1.70 -2.51
N PRO C 15 -1.65 1.15 -3.64
CA PRO C 15 -0.67 1.79 -4.58
C PRO C 15 -1.08 3.21 -4.96
N LEU C 16 -2.38 3.50 -4.82
CA LEU C 16 -2.93 4.86 -5.17
C LEU C 16 -2.27 5.97 -4.34
N ILE C 17 -2.05 5.70 -3.06
CA ILE C 17 -1.45 6.73 -2.15
C ILE C 17 -0.07 7.15 -2.63
N VAL C 18 0.72 6.21 -3.12
CA VAL C 18 2.10 6.55 -3.60
C VAL C 18 2.05 7.58 -4.74
N TRP C 19 1.08 7.41 -5.64
CA TRP C 19 0.94 8.33 -6.81
C TRP C 19 0.71 9.79 -6.39
N VAL C 20 -0.09 10.00 -5.36
CA VAL C 20 -0.38 11.40 -4.90
C VAL C 20 0.89 12.14 -4.49
N LYS C 21 1.80 11.43 -3.81
CA LYS C 21 3.07 12.06 -3.35
C LYS C 21 3.86 12.59 -4.54
N ARG C 22 3.87 11.82 -5.63
CA ARG C 22 4.62 12.25 -6.85
C ARG C 22 4.05 13.57 -7.37
N LYS C 23 2.74 13.70 -7.32
CA LYS C 23 2.06 14.94 -7.79
C LYS C 23 2.53 16.15 -7.00
N GLU C 24 2.71 15.97 -5.69
CA GLU C 24 3.16 17.08 -4.78
C GLU C 24 2.12 18.20 -4.76
N VAL C 25 2.21 19.10 -5.74
CA VAL C 25 1.26 20.25 -5.82
C VAL C 25 -0.02 19.82 -6.54
N GLN C 26 -1.10 19.68 -5.78
CA GLN C 26 -2.41 19.26 -6.38
C GLN C 26 -2.85 20.25 -7.45
N LYS C 27 -3.54 19.75 -8.47
CA LYS C 27 -4.02 20.61 -9.58
C LYS C 27 -5.26 21.39 -9.15
N THR C 28 -5.29 22.67 -9.47
CA THR C 28 -6.45 23.54 -9.10
C THR C 28 -6.73 24.56 -10.21
#